data_9DDW
#
_entry.id   9DDW
#
_cell.length_a   1.00
_cell.length_b   1.00
_cell.length_c   1.00
_cell.angle_alpha   90.00
_cell.angle_beta   90.00
_cell.angle_gamma   90.00
#
_symmetry.space_group_name_H-M   'P 1'
#
loop_
_entity.id
_entity.type
_entity.pdbx_description
1 polymer 'P2X purinoceptor 2'
2 non-polymer 2-acetamido-2-deoxy-beta-D-glucopyranose
3 non-polymer "ADENOSINE-5'-TRIPHOSPHATE"
4 water water
#
_entity_poly.entity_id   1
_entity_poly.type   'polypeptide(L)'
_entity_poly.pdbx_seq_one_letter_code
;MAAAQPKYPAGATARRLARGCWSALWDYETPKVIVVRNRRLGVLYRAVQLLILLYFVWYVFIVQKSYQESETGPESSIIT
KVKGITTSEHKVWDVEEYVKPPEGGSVFSIITRVEATHSQTQGTCPESIRVHNATCLSDADCVAGELDMLGNGLRTGRCV
PYYQGPSKTCEVFGWCPVEDGASVSQFLGTMAPNFTILIKNSIHYPKFHFSKGNIADRTDGYLKRCTFHEASDLYCPIFK
LGFIVEKAGESFTELAHKGGVIGVIINWDCDLDLPASECNPKYSFRRLDPKHVPASSGYNFRFAKYYKINGTTTRTLIKA
YGIRIDVIVHGQAGKFSLIPTIINLATALTSVGVGSFLCDWILLTFMNKNKVYSHKKFDKVCTPSHPSGSWPVTLARVLG
QAPPEPGHRSEDQHPSPPSGQEGQQGAECGPAFPPLRPCPISAPSEQMVDTPASEPAQASTPTDPKGLAQL
;
_entity_poly.pdbx_strand_id   A,B,C
#
loop_
_chem_comp.id
_chem_comp.type
_chem_comp.name
_chem_comp.formula
ATP non-polymer ADENOSINE-5'-TRIPHOSPHATE 'C10 H16 N5 O13 P3'
NAG D-saccharide, beta linking 2-acetamido-2-deoxy-beta-D-glucopyranose 'C8 H15 N O6'
#
# COMPACT_ATOMS: atom_id res chain seq x y z
N VAL A 43 9.09 15.14 -63.96
CA VAL A 43 7.97 15.98 -63.53
C VAL A 43 8.29 16.63 -62.20
N LEU A 44 8.10 17.96 -62.12
CA LEU A 44 8.33 18.67 -60.87
C LEU A 44 7.39 18.16 -59.77
N TYR A 45 6.12 17.96 -60.12
CA TYR A 45 5.17 17.43 -59.13
C TYR A 45 5.63 16.09 -58.59
N ARG A 46 6.29 15.28 -59.41
CA ARG A 46 6.77 13.99 -58.94
C ARG A 46 7.72 14.16 -57.77
N ALA A 47 8.75 15.01 -57.94
CA ALA A 47 9.69 15.25 -56.86
C ALA A 47 9.02 15.93 -55.67
N VAL A 48 8.12 16.88 -55.94
CA VAL A 48 7.45 17.58 -54.85
C VAL A 48 6.69 16.62 -53.97
N GLN A 49 5.89 15.74 -54.59
CA GLN A 49 5.11 14.78 -53.81
C GLN A 49 5.99 13.68 -53.21
N LEU A 50 7.09 13.33 -53.85
CA LEU A 50 8.02 12.40 -53.24
C LEU A 50 8.59 12.96 -51.94
N LEU A 51 8.96 14.24 -51.96
CA LEU A 51 9.43 14.88 -50.74
C LEU A 51 8.33 14.99 -49.70
N ILE A 52 7.12 15.39 -50.11
CA ILE A 52 6.03 15.58 -49.17
C ILE A 52 5.66 14.27 -48.50
N LEU A 53 5.53 13.20 -49.29
CA LEU A 53 5.10 11.91 -48.74
C LEU A 53 6.11 11.39 -47.73
N LEU A 54 7.38 11.33 -48.11
CA LEU A 54 8.40 10.82 -47.19
C LEU A 54 8.45 11.63 -45.90
N TYR A 55 8.21 12.93 -45.99
CA TYR A 55 8.22 13.77 -44.78
C TYR A 55 7.10 13.36 -43.83
N PHE A 56 5.94 13.01 -44.36
CA PHE A 56 4.79 12.64 -43.55
C PHE A 56 4.57 11.12 -43.48
N VAL A 57 5.56 10.34 -43.90
CA VAL A 57 5.50 8.89 -43.79
C VAL A 57 6.55 8.42 -42.79
N TRP A 58 7.82 8.75 -43.06
CA TRP A 58 8.89 8.36 -42.15
C TRP A 58 8.83 9.13 -40.83
N TYR A 59 8.01 10.18 -40.76
CA TYR A 59 7.94 11.02 -39.58
C TYR A 59 6.63 10.87 -38.81
N VAL A 60 5.65 10.17 -39.36
CA VAL A 60 4.33 10.03 -38.75
C VAL A 60 4.03 8.59 -38.37
N PHE A 61 4.20 7.66 -39.31
CA PHE A 61 3.89 6.25 -39.08
C PHE A 61 5.11 5.45 -38.64
N ILE A 62 6.25 6.09 -38.44
CA ILE A 62 7.46 5.38 -38.05
C ILE A 62 7.94 5.89 -36.70
N VAL A 63 8.19 7.19 -36.61
CA VAL A 63 8.74 7.75 -35.37
C VAL A 63 7.74 7.62 -34.23
N GLN A 64 6.49 8.01 -34.45
CA GLN A 64 5.49 7.99 -33.39
C GLN A 64 4.59 6.76 -33.44
N LYS A 65 4.78 5.87 -34.40
CA LYS A 65 4.05 4.60 -34.47
C LYS A 65 2.54 4.82 -34.43
N SER A 66 2.04 5.54 -35.43
CA SER A 66 0.61 5.81 -35.55
C SER A 66 -0.20 4.56 -35.85
N TYR A 67 0.45 3.48 -36.26
CA TYR A 67 -0.21 2.22 -36.61
C TYR A 67 -0.37 1.29 -35.40
N GLN A 68 -0.41 1.84 -34.20
CA GLN A 68 -0.47 1.03 -32.98
C GLN A 68 -1.53 1.57 -32.04
N GLU A 69 -2.28 0.65 -31.44
CA GLU A 69 -3.07 0.92 -30.26
C GLU A 69 -2.21 0.66 -29.03
N SER A 70 -2.52 1.37 -27.94
CA SER A 70 -1.67 1.37 -26.77
C SER A 70 -2.45 1.07 -25.50
N GLU A 71 -1.76 0.49 -24.53
CA GLU A 71 -2.24 0.34 -23.16
C GLU A 71 -1.19 0.92 -22.24
N THR A 72 -1.58 1.89 -21.42
CA THR A 72 -0.67 2.52 -20.46
C THR A 72 -1.05 2.07 -19.06
N GLY A 73 -0.13 1.40 -18.39
CA GLY A 73 -0.31 0.99 -17.03
C GLY A 73 -0.69 -0.47 -16.93
N PRO A 74 0.29 -1.33 -16.70
CA PRO A 74 -0.01 -2.76 -16.53
C PRO A 74 -0.34 -3.13 -15.09
N GLU A 75 -1.05 -4.24 -14.92
CA GLU A 75 -1.19 -4.88 -13.62
C GLU A 75 0.16 -5.51 -13.26
N SER A 76 0.64 -5.20 -12.05
CA SER A 76 1.93 -5.70 -11.60
C SER A 76 1.79 -6.37 -10.24
N SER A 77 2.64 -7.36 -10.00
CA SER A 77 2.87 -7.92 -8.68
C SER A 77 4.32 -7.67 -8.29
N ILE A 78 4.54 -7.12 -7.10
CA ILE A 78 5.88 -6.97 -6.53
C ILE A 78 5.98 -7.84 -5.29
N ILE A 79 6.87 -8.82 -5.33
CA ILE A 79 7.29 -9.58 -4.16
C ILE A 79 8.74 -9.22 -3.87
N THR A 80 8.99 -8.75 -2.66
CA THR A 80 10.34 -8.41 -2.22
C THR A 80 10.80 -9.32 -1.09
N LYS A 81 12.12 -9.44 -0.97
CA LYS A 81 12.77 -10.20 0.09
C LYS A 81 14.14 -9.59 0.31
N VAL A 82 14.42 -9.19 1.54
CA VAL A 82 15.72 -8.64 1.90
C VAL A 82 16.51 -9.71 2.63
N LYS A 83 17.82 -9.74 2.39
CA LYS A 83 18.72 -10.66 3.08
C LYS A 83 19.93 -9.87 3.56
N GLY A 84 20.50 -10.33 4.66
CA GLY A 84 21.63 -9.66 5.28
C GLY A 84 21.41 -9.48 6.76
N ILE A 85 22.48 -9.63 7.52
CA ILE A 85 22.44 -9.47 8.97
C ILE A 85 23.52 -8.49 9.38
N THR A 86 23.23 -7.70 10.41
CA THR A 86 24.13 -6.67 10.88
C THR A 86 24.29 -6.79 12.39
N THR A 87 25.42 -6.27 12.89
CA THR A 87 25.78 -6.38 14.29
C THR A 87 25.93 -5.01 14.92
N SER A 88 25.37 -4.87 16.12
CA SER A 88 25.66 -3.78 17.04
C SER A 88 26.44 -4.35 18.21
N GLU A 89 26.68 -3.51 19.22
CA GLU A 89 27.43 -3.96 20.40
C GLU A 89 26.79 -5.20 21.01
N HIS A 90 27.49 -6.33 20.90
CA HIS A 90 27.01 -7.63 21.39
C HIS A 90 25.54 -7.84 21.04
N LYS A 91 25.26 -7.80 19.74
CA LYS A 91 23.90 -7.96 19.24
C LYS A 91 23.95 -8.18 17.74
N VAL A 92 23.25 -9.21 17.28
CA VAL A 92 23.14 -9.54 15.87
C VAL A 92 21.70 -9.28 15.43
N TRP A 93 21.54 -8.47 14.39
CA TRP A 93 20.23 -8.15 13.84
C TRP A 93 19.98 -8.93 12.57
N ASP A 94 18.77 -9.45 12.43
CA ASP A 94 18.32 -10.20 11.27
C ASP A 94 17.27 -9.40 10.51
N VAL A 95 16.86 -9.93 9.36
CA VAL A 95 15.93 -9.22 8.48
C VAL A 95 14.62 -8.93 9.18
N GLU A 96 14.17 -9.86 10.03
CA GLU A 96 12.89 -9.67 10.72
C GLU A 96 12.92 -8.41 11.57
N GLU A 97 14.06 -8.11 12.19
CA GLU A 97 14.16 -6.94 13.06
C GLU A 97 14.23 -5.62 12.30
N TYR A 98 15.01 -5.55 11.22
CA TYR A 98 15.28 -4.27 10.57
C TYR A 98 14.46 -4.02 9.32
N VAL A 99 13.63 -4.97 8.89
CA VAL A 99 12.75 -4.76 7.74
C VAL A 99 11.32 -4.70 8.25
N LYS A 100 10.66 -3.58 8.01
CA LYS A 100 9.30 -3.35 8.48
C LYS A 100 8.54 -2.59 7.41
N PRO A 101 7.39 -3.09 6.93
CA PRO A 101 6.72 -4.34 7.28
C PRO A 101 7.36 -5.58 6.67
N PRO A 102 7.01 -6.76 7.20
CA PRO A 102 7.69 -8.01 6.79
C PRO A 102 7.08 -8.77 5.62
N GLU A 103 5.95 -8.33 5.06
CA GLU A 103 5.19 -9.21 4.16
C GLU A 103 5.80 -9.32 2.78
N GLY A 104 6.77 -8.49 2.42
CA GLY A 104 7.46 -8.64 1.16
C GLY A 104 6.75 -7.98 -0.01
N GLY A 105 6.36 -6.72 0.17
CA GLY A 105 5.65 -6.00 -0.86
C GLY A 105 6.46 -4.89 -1.52
N SER A 106 5.75 -3.94 -2.12
CA SER A 106 6.39 -2.90 -2.90
C SER A 106 7.08 -1.87 -2.03
N VAL A 107 6.61 -1.67 -0.79
CA VAL A 107 7.11 -0.62 0.08
C VAL A 107 7.54 -1.26 1.39
N PHE A 108 8.76 -0.94 1.82
CA PHE A 108 9.32 -1.47 3.06
C PHE A 108 10.45 -0.56 3.48
N SER A 109 10.79 -0.64 4.77
CA SER A 109 11.83 0.19 5.36
C SER A 109 12.91 -0.70 5.97
N ILE A 110 14.15 -0.41 5.63
CA ILE A 110 15.31 -1.06 6.23
C ILE A 110 15.86 -0.12 7.29
N ILE A 111 15.78 -0.57 8.54
CA ILE A 111 16.18 0.25 9.67
C ILE A 111 17.70 0.31 9.74
N THR A 112 18.24 1.53 9.85
CA THR A 112 19.67 1.76 9.93
C THR A 112 20.11 2.28 11.29
N ARG A 113 19.23 2.92 12.04
CA ARG A 113 19.55 3.49 13.34
C ARG A 113 18.30 3.50 14.19
N VAL A 114 18.45 3.20 15.48
CA VAL A 114 17.34 3.19 16.42
C VAL A 114 17.72 4.00 17.66
N GLU A 115 16.73 4.70 18.22
CA GLU A 115 16.78 5.26 19.56
C GLU A 115 15.77 4.44 20.36
N ALA A 116 16.24 3.64 21.30
CA ALA A 116 15.38 2.68 21.99
C ALA A 116 15.28 3.00 23.48
N THR A 117 14.05 2.97 23.98
CA THR A 117 13.75 3.20 25.38
C THR A 117 13.15 1.93 25.97
N HIS A 118 13.83 1.35 26.95
CA HIS A 118 13.47 0.07 27.51
C HIS A 118 12.73 0.22 28.84
N SER A 119 11.94 -0.81 29.16
CA SER A 119 11.24 -0.93 30.44
C SER A 119 10.29 0.23 30.68
N GLN A 120 9.47 0.50 29.66
CA GLN A 120 8.45 1.54 29.74
C GLN A 120 7.16 0.96 30.32
N THR A 121 6.69 1.57 31.40
CA THR A 121 5.43 1.20 32.03
C THR A 121 4.59 2.44 32.26
N GLN A 122 3.27 2.26 32.25
CA GLN A 122 2.37 3.31 32.70
C GLN A 122 2.74 3.72 34.12
N GLY A 123 2.98 5.01 34.32
CA GLY A 123 3.37 5.49 35.63
C GLY A 123 3.72 6.95 35.57
N THR A 124 4.31 7.43 36.66
CA THR A 124 4.70 8.82 36.82
C THR A 124 6.19 8.98 36.56
N CYS A 125 6.56 10.03 35.85
CA CYS A 125 7.95 10.32 35.52
C CYS A 125 8.06 11.78 35.14
N PRO A 126 9.25 12.36 35.25
CA PRO A 126 9.44 13.72 34.75
C PRO A 126 9.20 13.79 33.25
N GLU A 127 8.63 14.92 32.82
CA GLU A 127 8.35 15.14 31.41
C GLU A 127 9.61 15.64 30.69
N SER A 128 9.62 15.43 29.38
CA SER A 128 10.76 15.85 28.58
C SER A 128 10.95 17.36 28.70
N ILE A 129 12.20 17.77 28.93
CA ILE A 129 12.54 19.19 28.98
C ILE A 129 12.25 19.88 27.65
N ARG A 130 12.08 19.10 26.59
CA ARG A 130 11.80 19.61 25.25
C ARG A 130 10.35 20.01 25.04
N VAL A 131 9.48 19.79 26.02
CA VAL A 131 8.06 20.06 25.89
C VAL A 131 7.73 21.41 26.50
N HIS A 132 6.85 22.15 25.83
CA HIS A 132 6.53 23.50 26.24
C HIS A 132 6.02 23.53 27.67
N ASN A 133 6.51 24.50 28.45
CA ASN A 133 6.11 24.74 29.83
C ASN A 133 6.49 23.60 30.76
N ALA A 134 7.20 22.59 30.27
CA ALA A 134 7.52 21.43 31.09
C ALA A 134 8.41 21.81 32.27
N THR A 135 9.41 22.66 32.02
CA THR A 135 10.36 23.00 33.06
C THR A 135 9.68 23.79 34.18
N CYS A 136 10.02 23.45 35.42
CA CYS A 136 9.38 24.04 36.58
C CYS A 136 10.42 24.28 37.67
N LEU A 137 10.10 25.22 38.57
CA LEU A 137 10.90 25.50 39.74
C LEU A 137 10.24 25.05 41.04
N SER A 138 8.90 25.00 41.08
CA SER A 138 8.18 24.56 42.26
C SER A 138 6.87 23.93 41.80
N ASP A 139 6.22 23.23 42.73
CA ASP A 139 4.98 22.54 42.41
C ASP A 139 3.90 23.48 41.90
N ALA A 140 3.98 24.76 42.25
CA ALA A 140 2.97 25.73 41.83
C ALA A 140 3.05 26.05 40.35
N ASP A 141 4.18 25.77 39.69
CA ASP A 141 4.34 26.08 38.28
C ASP A 141 3.70 25.03 37.38
N CYS A 142 3.29 23.89 37.93
CA CYS A 142 2.67 22.82 37.17
C CYS A 142 1.24 22.64 37.66
N VAL A 143 0.29 22.57 36.73
CA VAL A 143 -1.13 22.45 37.04
C VAL A 143 -1.61 21.07 36.63
N ALA A 144 -2.42 20.45 37.49
CA ALA A 144 -2.85 19.08 37.29
C ALA A 144 -3.93 18.98 36.23
N GLY A 145 -3.89 17.89 35.46
CA GLY A 145 -4.88 17.60 34.46
C GLY A 145 -4.55 18.10 33.06
N GLU A 146 -3.64 19.04 32.94
CA GLU A 146 -3.28 19.56 31.63
C GLU A 146 -2.68 18.46 30.77
N LEU A 147 -3.11 18.39 29.52
CA LEU A 147 -2.68 17.34 28.59
C LEU A 147 -2.30 17.98 27.25
N ASP A 148 -1.01 18.27 27.09
CA ASP A 148 -0.50 18.73 25.82
C ASP A 148 -0.43 17.57 24.83
N MET A 149 -0.88 17.82 23.60
CA MET A 149 -0.81 16.80 22.56
C MET A 149 0.63 16.43 22.23
N LEU A 150 1.53 17.40 22.26
CA LEU A 150 2.93 17.21 21.93
C LEU A 150 3.75 16.75 23.13
N GLY A 151 3.12 16.62 24.29
CA GLY A 151 3.75 16.06 25.46
C GLY A 151 3.67 14.54 25.47
N ASN A 152 3.91 13.97 26.65
CA ASN A 152 4.03 12.53 26.79
C ASN A 152 3.16 11.96 27.90
N GLY A 153 2.22 12.73 28.43
CA GLY A 153 1.27 12.18 29.37
C GLY A 153 0.43 13.27 30.02
N LEU A 154 -0.17 12.90 31.15
CA LEU A 154 -1.08 13.77 31.89
C LEU A 154 -0.37 14.32 33.12
N ARG A 155 -0.41 15.63 33.29
CA ARG A 155 0.37 16.28 34.33
C ARG A 155 -0.20 16.04 35.71
N THR A 156 0.67 15.83 36.70
CA THR A 156 0.24 15.43 38.06
C THR A 156 0.11 16.61 39.01
N GLY A 157 0.64 17.80 38.68
CA GLY A 157 0.62 18.92 39.61
C GLY A 157 1.85 19.00 40.48
N ARG A 158 2.87 18.19 40.22
CA ARG A 158 4.10 18.18 40.99
C ARG A 158 5.29 18.51 40.09
N CYS A 159 6.34 19.01 40.73
CA CYS A 159 7.61 19.30 40.07
C CYS A 159 8.65 18.34 40.60
N VAL A 160 9.22 17.52 39.72
CA VAL A 160 10.16 16.48 40.11
C VAL A 160 11.51 16.74 39.44
N PRO A 161 12.62 16.27 40.02
CA PRO A 161 13.91 16.43 39.34
C PRO A 161 13.92 15.70 38.01
N TYR A 162 14.63 16.29 37.05
CA TYR A 162 14.73 15.70 35.72
C TYR A 162 15.66 14.49 35.77
N TYR A 163 15.58 13.67 34.71
CA TYR A 163 16.39 12.45 34.65
C TYR A 163 17.86 12.77 34.86
N GLN A 164 18.38 13.73 34.11
CA GLN A 164 19.72 14.26 34.29
C GLN A 164 19.61 15.63 34.95
N GLY A 165 20.28 15.80 36.09
CA GLY A 165 20.18 17.01 36.83
C GLY A 165 20.87 18.17 36.12
N PRO A 166 20.83 19.36 36.74
CA PRO A 166 20.17 19.68 38.02
C PRO A 166 18.75 20.23 37.86
N SER A 167 18.25 20.25 36.63
CA SER A 167 16.98 20.91 36.37
C SER A 167 15.81 20.10 36.92
N LYS A 168 14.65 20.73 36.94
CA LYS A 168 13.41 20.12 37.39
C LYS A 168 12.34 20.33 36.33
N THR A 169 11.44 19.37 36.22
CA THR A 169 10.45 19.35 35.16
C THR A 169 9.14 18.78 35.68
N CYS A 170 8.03 19.24 35.12
CA CYS A 170 6.72 18.84 35.59
C CYS A 170 6.51 17.34 35.39
N GLU A 171 5.95 16.70 36.40
CA GLU A 171 5.71 15.26 36.39
C GLU A 171 4.43 14.95 35.64
N VAL A 172 4.45 13.84 34.89
CA VAL A 172 3.31 13.41 34.10
C VAL A 172 3.03 11.93 34.37
N PHE A 173 1.81 11.52 34.05
CA PHE A 173 1.44 10.12 34.03
C PHE A 173 1.35 9.66 32.58
N GLY A 174 2.02 8.56 32.27
CA GLY A 174 2.01 8.02 30.92
C GLY A 174 2.99 6.87 30.82
N TRP A 175 3.37 6.58 29.58
CA TRP A 175 4.42 5.60 29.34
C TRP A 175 5.75 6.17 29.81
N CYS A 176 6.30 5.58 30.87
CA CYS A 176 7.46 6.12 31.55
C CYS A 176 8.54 5.06 31.68
N PRO A 177 9.82 5.43 31.56
CA PRO A 177 10.33 6.79 31.31
C PRO A 177 10.17 7.28 29.88
N VAL A 178 10.28 8.59 29.70
CA VAL A 178 10.16 9.19 28.37
C VAL A 178 11.45 8.99 27.59
N GLU A 179 11.31 8.90 26.27
CA GLU A 179 12.45 8.55 25.43
C GLU A 179 13.55 9.60 25.50
N ASP A 180 13.17 10.86 25.62
CA ASP A 180 14.14 11.95 25.68
C ASP A 180 14.93 11.97 26.98
N GLY A 181 14.76 10.97 27.84
CA GLY A 181 15.53 10.88 29.07
C GLY A 181 16.07 9.50 29.36
N ALA A 182 15.70 8.49 28.55
CA ALA A 182 16.17 7.13 28.79
C ALA A 182 16.51 6.36 27.52
N SER A 183 16.52 7.00 26.36
CA SER A 183 16.81 6.32 25.11
C SER A 183 18.31 6.07 24.96
N VAL A 184 18.63 4.94 24.31
CA VAL A 184 19.99 4.62 23.90
C VAL A 184 20.00 4.45 22.38
N SER A 185 21.03 4.99 21.74
CA SER A 185 21.15 4.95 20.29
C SER A 185 22.00 3.75 19.86
N GLN A 186 21.55 3.08 18.81
CA GLN A 186 22.28 1.99 18.20
C GLN A 186 22.36 2.23 16.70
N PHE A 187 23.57 2.14 16.15
CA PHE A 187 23.77 2.17 14.71
C PHE A 187 23.86 0.73 14.20
N LEU A 188 22.96 0.37 13.30
CA LEU A 188 22.94 -0.93 12.67
C LEU A 188 22.90 -0.84 11.15
N GLY A 189 23.44 0.24 10.58
CA GLY A 189 23.63 0.39 9.16
C GLY A 189 25.05 0.20 8.69
N THR A 190 25.90 -0.39 9.53
CA THR A 190 27.31 -0.56 9.19
C THR A 190 27.50 -1.45 7.95
N MET A 191 26.72 -2.52 7.85
CA MET A 191 26.83 -3.49 6.76
C MET A 191 25.58 -3.51 5.90
N ALA A 192 24.71 -2.52 6.05
CA ALA A 192 23.53 -2.35 5.22
C ALA A 192 23.85 -2.12 3.74
N PRO A 193 24.96 -1.47 3.37
CA PRO A 193 25.26 -1.39 1.93
C PRO A 193 25.49 -2.74 1.29
N ASN A 194 25.85 -3.74 2.07
CA ASN A 194 26.06 -5.10 1.58
C ASN A 194 24.78 -5.94 1.59
N PHE A 195 23.69 -5.43 2.15
CA PHE A 195 22.43 -6.14 2.09
C PHE A 195 22.00 -6.33 0.63
N THR A 196 21.09 -7.29 0.43
CA THR A 196 20.56 -7.62 -0.88
C THR A 196 19.05 -7.68 -0.84
N ILE A 197 18.44 -7.16 -1.90
CA ILE A 197 16.99 -7.12 -2.08
C ILE A 197 16.67 -7.85 -3.38
N LEU A 198 15.82 -8.86 -3.29
CA LEU A 198 15.29 -9.54 -4.47
C LEU A 198 13.91 -8.97 -4.77
N ILE A 199 13.75 -8.38 -5.94
CA ILE A 199 12.49 -7.82 -6.40
C ILE A 199 11.98 -8.70 -7.53
N LYS A 200 10.84 -9.33 -7.32
CA LYS A 200 10.19 -10.14 -8.33
C LYS A 200 9.00 -9.37 -8.88
N ASN A 201 8.97 -9.21 -10.20
CA ASN A 201 7.90 -8.48 -10.87
C ASN A 201 7.38 -9.27 -12.05
N SER A 202 6.06 -9.29 -12.17
CA SER A 202 5.40 -9.82 -13.37
C SER A 202 4.29 -8.85 -13.73
N ILE A 203 4.26 -8.46 -14.98
CA ILE A 203 3.29 -7.49 -15.48
C ILE A 203 2.28 -8.22 -16.37
N HIS A 204 1.10 -7.60 -16.51
CA HIS A 204 0.06 -8.11 -17.38
C HIS A 204 -0.63 -6.95 -18.08
N TYR A 205 -0.73 -7.04 -19.40
CA TYR A 205 -1.54 -6.12 -20.19
C TYR A 205 -2.82 -6.84 -20.59
N PRO A 206 -3.96 -6.56 -19.95
CA PRO A 206 -5.17 -7.36 -20.25
C PRO A 206 -5.66 -7.23 -21.67
N LYS A 207 -5.51 -6.07 -22.30
CA LYS A 207 -6.04 -5.88 -23.65
C LYS A 207 -5.34 -6.80 -24.65
N PHE A 208 -4.03 -6.77 -24.63
CA PHE A 208 -3.14 -7.60 -25.43
C PHE A 208 -2.98 -9.02 -24.89
N HIS A 209 -3.44 -9.30 -23.68
CA HIS A 209 -3.19 -10.58 -23.03
C HIS A 209 -1.71 -10.92 -23.11
N PHE A 210 -0.86 -9.96 -22.73
CA PHE A 210 0.61 -10.13 -22.74
C PHE A 210 1.10 -10.22 -21.30
N SER A 211 1.98 -11.16 -20.99
CA SER A 211 2.55 -11.30 -19.63
C SER A 211 4.06 -11.51 -19.73
N LYS A 212 4.84 -10.80 -18.90
CA LYS A 212 6.31 -11.02 -18.83
C LYS A 212 6.80 -10.76 -17.41
N GLY A 213 7.71 -11.59 -16.92
CA GLY A 213 8.36 -11.41 -15.64
C GLY A 213 9.83 -11.07 -15.80
N ASN A 214 10.43 -10.69 -14.67
CA ASN A 214 11.81 -10.22 -14.61
C ASN A 214 12.80 -11.29 -14.17
N ILE A 215 12.35 -12.53 -14.03
CA ILE A 215 13.21 -13.67 -13.72
C ILE A 215 12.98 -14.71 -14.79
N ALA A 216 14.05 -15.25 -15.36
CA ALA A 216 13.95 -16.21 -16.44
C ALA A 216 13.75 -17.63 -15.92
N ASP A 217 13.14 -18.46 -16.76
CA ASP A 217 12.97 -19.89 -16.50
C ASP A 217 14.29 -20.60 -16.76
N ARG A 218 15.08 -20.77 -15.71
CA ARG A 218 16.40 -21.37 -15.80
C ARG A 218 16.52 -22.47 -14.76
N THR A 219 16.93 -23.66 -15.20
CA THR A 219 17.04 -24.78 -14.28
C THR A 219 18.29 -24.69 -13.41
N ASP A 220 19.31 -23.98 -13.85
CA ASP A 220 20.52 -23.83 -13.07
C ASP A 220 20.28 -22.89 -11.90
N GLY A 221 21.30 -22.77 -11.04
CA GLY A 221 21.21 -21.91 -9.87
C GLY A 221 21.69 -20.50 -10.16
N TYR A 222 21.11 -19.88 -11.20
CA TYR A 222 21.51 -18.53 -11.58
C TYR A 222 21.11 -17.52 -10.52
N LEU A 223 19.87 -17.58 -10.04
CA LEU A 223 19.37 -16.63 -9.06
C LEU A 223 20.01 -16.85 -7.69
N LYS A 224 21.04 -17.70 -7.59
CA LYS A 224 21.78 -17.97 -6.33
C LYS A 224 23.28 -17.61 -6.44
N ARG A 225 23.78 -17.12 -7.59
CA ARG A 225 25.19 -16.78 -7.74
C ARG A 225 25.32 -15.60 -8.69
N CYS A 226 24.28 -14.78 -8.73
CA CYS A 226 24.15 -13.74 -9.74
C CYS A 226 24.13 -12.38 -9.08
N THR A 227 24.68 -11.41 -9.80
CA THR A 227 24.70 -10.02 -9.39
C THR A 227 24.11 -9.20 -10.52
N PHE A 228 23.10 -8.39 -10.20
CA PHE A 228 22.44 -7.60 -11.23
C PHE A 228 23.44 -6.76 -11.99
N HIS A 229 23.27 -6.77 -13.32
CA HIS A 229 24.04 -5.90 -14.24
C HIS A 229 22.97 -5.50 -15.26
N GLU A 230 22.78 -4.21 -15.51
CA GLU A 230 21.71 -3.71 -16.42
C GLU A 230 21.82 -4.35 -17.80
N ALA A 231 22.98 -4.91 -18.16
CA ALA A 231 23.24 -5.47 -19.49
C ALA A 231 23.48 -6.99 -19.43
N SER A 232 24.44 -7.46 -18.64
CA SER A 232 24.82 -8.87 -18.66
C SER A 232 23.88 -9.71 -17.80
N ASP A 233 23.29 -9.12 -16.76
CA ASP A 233 22.47 -9.85 -15.80
C ASP A 233 21.20 -9.06 -15.47
N LEU A 234 20.54 -8.53 -16.51
CA LEU A 234 19.30 -7.79 -16.30
C LEU A 234 18.20 -8.66 -15.69
N TYR A 235 18.32 -9.98 -15.78
CA TYR A 235 17.31 -10.89 -15.26
C TYR A 235 17.76 -11.59 -14.00
N CYS A 236 18.75 -11.03 -13.29
CA CYS A 236 19.01 -11.30 -11.88
C CYS A 236 18.55 -10.08 -11.10
N PRO A 237 17.29 -10.03 -10.68
CA PRO A 237 16.81 -8.80 -10.02
C PRO A 237 17.14 -8.77 -8.54
N ILE A 238 18.40 -9.04 -8.21
CA ILE A 238 18.90 -9.00 -6.84
C ILE A 238 19.85 -7.81 -6.75
N PHE A 239 19.47 -6.81 -5.96
CA PHE A 239 20.17 -5.56 -5.85
C PHE A 239 20.75 -5.38 -4.46
N LYS A 240 22.02 -4.99 -4.40
CA LYS A 240 22.58 -4.47 -3.17
C LYS A 240 22.07 -3.07 -2.88
N LEU A 241 21.89 -2.80 -1.58
CA LEU A 241 21.41 -1.49 -1.13
C LEU A 241 22.44 -0.41 -1.45
N GLY A 242 23.72 -0.71 -1.29
CA GLY A 242 24.75 0.24 -1.67
C GLY A 242 24.68 0.62 -3.14
N PHE A 243 24.52 -0.36 -4.03
CA PHE A 243 24.30 -0.10 -5.45
C PHE A 243 23.14 0.86 -5.67
N ILE A 244 21.99 0.55 -5.07
CA ILE A 244 20.80 1.38 -5.23
C ILE A 244 21.09 2.80 -4.77
N VAL A 245 21.84 2.94 -3.68
CA VAL A 245 22.10 4.26 -3.14
C VAL A 245 23.15 5.01 -3.99
N GLU A 246 23.98 4.27 -4.71
CA GLU A 246 24.97 4.88 -5.64
C GLU A 246 24.24 5.39 -6.89
N LYS A 247 23.21 4.68 -7.37
CA LYS A 247 22.51 5.06 -8.59
C LYS A 247 21.49 6.16 -8.35
N ALA A 248 21.08 6.37 -7.10
CA ALA A 248 20.27 7.50 -6.72
C ALA A 248 21.09 8.75 -6.46
N GLY A 249 22.42 8.62 -6.44
CA GLY A 249 23.31 9.75 -6.29
C GLY A 249 23.44 10.24 -4.87
N GLU A 250 23.29 9.35 -3.90
CA GLU A 250 23.22 9.73 -2.50
C GLU A 250 24.39 9.11 -1.74
N SER A 251 24.65 9.61 -0.53
CA SER A 251 25.68 9.05 0.38
C SER A 251 24.98 8.05 1.29
N PHE A 252 25.56 6.89 1.54
CA PHE A 252 24.94 5.83 2.38
C PHE A 252 24.95 6.30 3.84
N THR A 253 25.98 7.04 4.27
CA THR A 253 26.12 7.53 5.67
C THR A 253 25.01 8.54 5.99
N GLU A 254 24.87 9.61 5.21
CA GLU A 254 23.83 10.64 5.43
C GLU A 254 22.46 9.97 5.49
N LEU A 255 22.13 9.13 4.52
CA LEU A 255 20.87 8.43 4.43
C LEU A 255 20.67 7.39 5.51
N ALA A 256 21.75 6.89 6.11
CA ALA A 256 21.66 5.90 7.17
C ALA A 256 21.44 6.53 8.53
N HIS A 257 21.81 7.80 8.71
CA HIS A 257 21.63 8.44 10.01
C HIS A 257 20.34 9.26 10.09
N LYS A 258 19.96 9.94 9.00
CA LYS A 258 18.72 10.70 9.01
C LYS A 258 17.56 9.88 8.45
N GLY A 259 17.84 8.96 7.56
CA GLY A 259 16.83 8.24 6.83
C GLY A 259 16.50 8.88 5.50
N GLY A 260 15.68 8.18 4.73
CA GLY A 260 15.29 8.67 3.43
C GLY A 260 14.50 7.63 2.67
N VAL A 261 14.11 8.01 1.45
CA VAL A 261 13.27 7.19 0.58
C VAL A 261 13.91 7.12 -0.79
N ILE A 262 14.16 5.90 -1.26
CA ILE A 262 14.74 5.67 -2.58
C ILE A 262 13.72 4.90 -3.40
N GLY A 263 13.40 5.43 -4.59
CA GLY A 263 12.55 4.70 -5.52
C GLY A 263 13.37 3.77 -6.40
N VAL A 264 12.82 2.57 -6.61
CA VAL A 264 13.34 1.61 -7.58
C VAL A 264 12.29 1.55 -8.68
N ILE A 265 12.58 2.17 -9.82
CA ILE A 265 11.59 2.28 -10.88
C ILE A 265 11.90 1.25 -11.96
N ILE A 266 10.88 0.47 -12.30
CA ILE A 266 10.99 -0.54 -13.34
C ILE A 266 10.06 -0.08 -14.47
N ASN A 267 10.63 0.11 -15.66
CA ASN A 267 9.86 0.52 -16.82
C ASN A 267 9.78 -0.64 -17.80
N TRP A 268 8.56 -0.95 -18.22
CA TRP A 268 8.29 -1.97 -19.23
C TRP A 268 7.72 -1.26 -20.45
N ASP A 269 8.60 -0.94 -21.39
CA ASP A 269 8.23 -0.25 -22.63
C ASP A 269 8.42 -1.26 -23.76
N CYS A 270 7.33 -1.89 -24.17
CA CYS A 270 7.37 -3.07 -25.01
C CYS A 270 6.61 -2.83 -26.31
N ASP A 271 7.19 -3.27 -27.41
CA ASP A 271 6.52 -3.27 -28.71
C ASP A 271 6.13 -4.72 -28.99
N LEU A 272 4.82 -4.98 -28.95
CA LEU A 272 4.26 -6.35 -29.07
C LEU A 272 4.27 -6.83 -30.52
N ASP A 273 4.39 -5.93 -31.50
CA ASP A 273 4.58 -6.35 -32.87
C ASP A 273 5.89 -7.11 -33.04
N LEU A 274 6.73 -7.10 -32.03
CA LEU A 274 8.00 -7.81 -31.97
C LEU A 274 7.91 -8.98 -31.00
N PRO A 275 8.93 -9.83 -30.97
CA PRO A 275 8.93 -10.96 -30.04
C PRO A 275 8.95 -10.50 -28.58
N ALA A 276 8.42 -11.37 -27.71
CA ALA A 276 8.42 -11.08 -26.28
C ALA A 276 9.82 -10.96 -25.72
N SER A 277 10.83 -11.48 -26.43
CA SER A 277 12.21 -11.33 -26.01
C SER A 277 12.69 -9.89 -26.10
N GLU A 278 11.93 -9.01 -26.74
CA GLU A 278 12.28 -7.59 -26.81
C GLU A 278 11.64 -6.79 -25.70
N CYS A 279 10.69 -7.37 -24.97
CA CYS A 279 10.01 -6.70 -23.87
C CYS A 279 10.82 -7.00 -22.62
N ASN A 280 11.55 -6.00 -22.16
CA ASN A 280 12.48 -6.17 -21.06
C ASN A 280 12.32 -5.05 -20.04
N PRO A 281 12.71 -5.30 -18.79
CA PRO A 281 12.61 -4.25 -17.77
C PRO A 281 13.78 -3.28 -17.85
N LYS A 282 13.48 -2.03 -17.53
CA LYS A 282 14.46 -0.96 -17.43
C LYS A 282 14.44 -0.46 -15.99
N TYR A 283 15.59 -0.52 -15.32
CA TYR A 283 15.70 -0.20 -13.90
C TYR A 283 16.30 1.18 -13.70
N SER A 284 15.67 1.96 -12.82
CA SER A 284 16.10 3.30 -12.47
C SER A 284 16.05 3.45 -10.97
N PHE A 285 16.98 4.23 -10.42
CA PHE A 285 17.11 4.42 -8.99
C PHE A 285 17.25 5.91 -8.70
N ARG A 286 16.29 6.46 -7.97
CA ARG A 286 16.35 7.87 -7.59
C ARG A 286 15.71 8.07 -6.23
N ARG A 287 16.23 9.06 -5.51
CA ARG A 287 15.64 9.46 -4.24
C ARG A 287 14.32 10.20 -4.48
N LEU A 288 13.32 9.86 -3.66
CA LEU A 288 11.99 10.42 -3.80
C LEU A 288 11.68 11.52 -2.80
N ASP A 289 12.32 11.52 -1.64
CA ASP A 289 12.04 12.49 -0.62
C ASP A 289 12.97 13.69 -0.73
N PRO A 290 12.57 14.85 -0.23
CA PRO A 290 13.41 16.04 -0.36
C PRO A 290 14.74 15.87 0.34
N LYS A 291 15.79 16.38 -0.29
CA LYS A 291 17.14 16.32 0.23
C LYS A 291 17.76 17.61 0.75
N HIS A 292 17.02 18.73 0.66
CA HIS A 292 17.49 20.01 1.16
C HIS A 292 16.57 20.61 2.22
N VAL A 293 15.46 19.96 2.55
CA VAL A 293 14.52 20.46 3.55
C VAL A 293 15.15 20.32 4.94
N PRO A 294 15.41 21.43 5.64
CA PRO A 294 16.02 21.31 6.97
C PRO A 294 15.01 21.05 8.08
N ALA A 295 13.78 21.53 7.88
CA ALA A 295 12.76 21.35 8.90
C ALA A 295 12.46 19.87 9.10
N SER A 296 12.17 19.14 8.02
CA SER A 296 11.97 17.70 8.07
C SER A 296 12.95 17.06 7.09
N SER A 297 14.09 16.60 7.61
CA SER A 297 15.16 16.02 6.81
C SER A 297 15.27 14.54 7.15
N GLY A 298 14.61 13.70 6.35
CA GLY A 298 14.78 12.27 6.48
C GLY A 298 13.51 11.45 6.54
N TYR A 299 13.57 10.35 7.28
CA TYR A 299 12.47 9.43 7.43
C TYR A 299 12.66 8.67 8.74
N ASN A 300 11.57 8.54 9.50
CA ASN A 300 11.62 7.90 10.79
C ASN A 300 10.20 7.48 11.19
N PHE A 301 10.13 6.49 12.07
CA PHE A 301 8.87 6.06 12.66
C PHE A 301 9.18 5.39 13.98
N ARG A 302 8.17 5.32 14.84
CA ARG A 302 8.30 4.70 16.14
C ARG A 302 7.46 3.43 16.18
N PHE A 303 7.97 2.42 16.87
CA PHE A 303 7.23 1.20 17.15
C PHE A 303 7.70 0.65 18.48
N ALA A 304 6.85 -0.17 19.09
CA ALA A 304 7.08 -0.66 20.44
C ALA A 304 6.89 -2.17 20.47
N LYS A 305 7.54 -2.78 21.47
CA LYS A 305 7.49 -4.21 21.70
C LYS A 305 6.90 -4.44 23.07
N TYR A 306 5.78 -5.14 23.16
CA TYR A 306 5.04 -5.24 24.41
C TYR A 306 5.31 -6.57 25.10
N TYR A 307 5.54 -6.50 26.41
CA TYR A 307 5.83 -7.66 27.23
C TYR A 307 4.99 -7.57 28.50
N LYS A 308 4.95 -8.67 29.25
CA LYS A 308 4.29 -8.70 30.55
C LYS A 308 5.27 -9.28 31.56
N ILE A 309 5.80 -8.42 32.42
CA ILE A 309 6.75 -8.81 33.46
C ILE A 309 6.04 -8.69 34.80
N ASN A 310 5.84 -9.83 35.46
CA ASN A 310 5.16 -9.87 36.75
C ASN A 310 3.73 -9.33 36.67
N GLY A 311 3.05 -9.63 35.57
CA GLY A 311 1.68 -9.17 35.38
C GLY A 311 1.53 -7.74 34.95
N THR A 312 2.64 -7.02 34.75
CA THR A 312 2.63 -5.63 34.33
C THR A 312 2.96 -5.53 32.85
N THR A 313 2.14 -4.78 32.11
CA THR A 313 2.40 -4.57 30.70
C THR A 313 3.59 -3.62 30.56
N THR A 314 4.67 -4.11 29.96
CA THR A 314 5.89 -3.35 29.76
C THR A 314 6.23 -3.36 28.28
N ARG A 315 6.85 -2.28 27.81
CA ARG A 315 7.18 -2.16 26.41
C ARG A 315 8.57 -1.55 26.24
N THR A 316 9.18 -1.87 25.11
CA THR A 316 10.39 -1.19 24.63
C THR A 316 10.00 -0.39 23.40
N LEU A 317 10.09 0.93 23.51
CA LEU A 317 9.78 1.82 22.41
C LEU A 317 11.02 2.04 21.56
N ILE A 318 10.86 1.91 20.24
CA ILE A 318 11.94 2.08 19.28
C ILE A 318 11.56 3.21 18.34
N LYS A 319 12.41 4.23 18.26
CA LYS A 319 12.37 5.20 17.17
C LYS A 319 13.38 4.77 16.13
N ALA A 320 12.90 4.51 14.92
CA ALA A 320 13.70 3.91 13.87
C ALA A 320 13.92 4.90 12.73
N TYR A 321 15.18 5.14 12.40
CA TYR A 321 15.57 5.85 11.19
C TYR A 321 15.98 4.80 10.17
N GLY A 322 15.57 4.98 8.93
CA GLY A 322 15.93 4.02 7.91
C GLY A 322 15.65 4.50 6.50
N ILE A 323 15.96 3.64 5.55
CA ILE A 323 15.80 3.89 4.13
C ILE A 323 14.57 3.13 3.67
N ARG A 324 13.56 3.86 3.21
CA ARG A 324 12.37 3.23 2.65
C ARG A 324 12.57 2.98 1.16
N ILE A 325 12.19 1.80 0.71
CA ILE A 325 12.33 1.39 -0.68
C ILE A 325 10.94 1.32 -1.30
N ASP A 326 10.68 2.23 -2.24
CA ASP A 326 9.49 2.19 -3.09
C ASP A 326 9.86 1.51 -4.39
N VAL A 327 9.14 0.43 -4.72
CA VAL A 327 9.26 -0.20 -6.02
C VAL A 327 8.07 0.27 -6.84
N ILE A 328 8.36 1.11 -7.83
CA ILE A 328 7.35 1.72 -8.67
C ILE A 328 7.48 1.13 -10.06
N VAL A 329 6.37 0.76 -10.66
CA VAL A 329 6.36 0.07 -11.94
C VAL A 329 5.59 0.90 -12.96
N HIS A 330 6.27 1.25 -14.04
CA HIS A 330 5.65 2.00 -15.15
C HIS A 330 5.66 1.05 -16.33
N GLY A 331 4.76 1.21 -17.29
CA GLY A 331 4.76 0.37 -18.50
C GLY A 331 3.94 0.95 -19.64
N GLN A 332 4.34 0.70 -20.88
CA GLN A 332 3.62 1.16 -22.09
C GLN A 332 3.81 0.13 -23.19
N ALA A 333 2.77 -0.62 -23.56
CA ALA A 333 2.82 -1.63 -24.63
C ALA A 333 2.16 -1.10 -25.89
N GLY A 334 2.68 -1.40 -27.09
CA GLY A 334 2.02 -1.04 -28.33
C GLY A 334 1.93 -2.20 -29.28
N LYS A 335 0.77 -2.35 -29.91
CA LYS A 335 0.52 -3.46 -30.82
C LYS A 335 -0.28 -2.94 -32.01
N PHE A 336 0.05 -3.46 -33.19
CA PHE A 336 -0.61 -3.05 -34.42
C PHE A 336 -2.12 -3.30 -34.33
N SER A 337 -2.91 -2.30 -34.73
CA SER A 337 -4.34 -2.42 -34.88
C SER A 337 -4.75 -1.78 -36.20
N LEU A 338 -5.66 -2.44 -36.91
CA LEU A 338 -6.02 -2.00 -38.25
C LEU A 338 -6.80 -0.69 -38.22
N ILE A 339 -7.69 -0.52 -37.24
CA ILE A 339 -8.58 0.63 -37.19
C ILE A 339 -7.78 1.92 -37.07
N PRO A 340 -6.92 2.06 -36.05
CA PRO A 340 -6.11 3.27 -35.94
C PRO A 340 -5.22 3.49 -37.14
N THR A 341 -4.67 2.42 -37.72
CA THR A 341 -3.82 2.57 -38.89
C THR A 341 -4.60 3.17 -40.06
N ILE A 342 -5.81 2.66 -40.31
CA ILE A 342 -6.61 3.20 -41.41
C ILE A 342 -7.00 4.65 -41.14
N ILE A 343 -7.39 4.95 -39.90
CA ILE A 343 -7.80 6.32 -39.58
C ILE A 343 -6.64 7.28 -39.77
N ASN A 344 -5.45 6.92 -39.27
CA ASN A 344 -4.29 7.80 -39.42
C ASN A 344 -3.85 7.90 -40.88
N LEU A 345 -3.98 6.82 -41.64
CA LEU A 345 -3.66 6.88 -43.07
C LEU A 345 -4.61 7.83 -43.78
N ALA A 346 -5.90 7.79 -43.43
CA ALA A 346 -6.85 8.73 -44.02
C ALA A 346 -6.50 10.17 -43.67
N THR A 347 -6.13 10.41 -42.41
CA THR A 347 -5.74 11.76 -42.02
C THR A 347 -4.50 12.23 -42.78
N ALA A 348 -3.51 11.35 -42.93
CA ALA A 348 -2.31 11.69 -43.68
C ALA A 348 -2.62 11.97 -45.14
N LEU A 349 -3.50 11.18 -45.74
CA LEU A 349 -3.90 11.43 -47.13
C LEU A 349 -4.62 12.76 -47.26
N THR A 350 -5.47 13.10 -46.29
CA THR A 350 -6.12 14.41 -46.31
C THR A 350 -5.08 15.53 -46.23
N SER A 351 -4.11 15.39 -45.34
CA SER A 351 -3.06 16.41 -45.25
C SER A 351 -2.29 16.53 -46.55
N VAL A 352 -1.97 15.40 -47.19
CA VAL A 352 -1.27 15.42 -48.46
C VAL A 352 -2.10 16.13 -49.52
N GLY A 353 -3.40 15.82 -49.57
CA GLY A 353 -4.27 16.47 -50.53
C GLY A 353 -4.33 17.96 -50.35
N VAL A 354 -4.45 18.42 -49.10
CA VAL A 354 -4.44 19.86 -48.84
C VAL A 354 -3.09 20.45 -49.23
N GLY A 355 -2.00 19.76 -48.89
CA GLY A 355 -0.67 20.23 -49.21
C GLY A 355 -0.24 19.87 -50.62
N VAL B 43 -11.59 46.34 -46.21
CA VAL B 43 -11.91 45.08 -46.88
C VAL B 43 -12.75 44.20 -45.97
N LEU B 44 -13.86 43.68 -46.51
CA LEU B 44 -14.72 42.80 -45.72
C LEU B 44 -13.97 41.53 -45.32
N TYR B 45 -13.20 40.96 -46.24
CA TYR B 45 -12.42 39.77 -45.91
C TYR B 45 -11.45 40.04 -44.76
N ARG B 46 -10.93 41.27 -44.67
CA ARG B 46 -10.02 41.60 -43.57
C ARG B 46 -10.70 41.38 -42.23
N ALA B 47 -11.89 41.97 -42.05
CA ALA B 47 -12.61 41.81 -40.79
C ALA B 47 -13.05 40.37 -40.59
N VAL B 48 -13.48 39.71 -41.67
CA VAL B 48 -13.94 38.32 -41.54
C VAL B 48 -12.81 37.44 -41.01
N GLN B 49 -11.62 37.55 -41.60
CA GLN B 49 -10.50 36.73 -41.18
C GLN B 49 -9.95 37.18 -39.83
N LEU B 50 -10.06 38.47 -39.49
CA LEU B 50 -9.66 38.91 -38.17
C LEU B 50 -10.54 38.26 -37.11
N LEU B 51 -11.85 38.19 -37.36
CA LEU B 51 -12.74 37.50 -36.44
C LEU B 51 -12.46 36.01 -36.39
N ILE B 52 -12.26 35.38 -37.55
CA ILE B 52 -12.05 33.94 -37.59
C ILE B 52 -10.77 33.56 -36.85
N LEU B 53 -9.69 34.29 -37.11
CA LEU B 53 -8.40 33.94 -36.51
C LEU B 53 -8.45 34.06 -34.99
N LEU B 54 -8.91 35.20 -34.48
CA LEU B 54 -8.98 35.39 -33.04
C LEU B 54 -9.85 34.33 -32.37
N TYR B 55 -10.91 33.89 -33.06
CA TYR B 55 -11.77 32.85 -32.48
C TYR B 55 -11.02 31.54 -32.32
N PHE B 56 -10.14 31.21 -33.26
CA PHE B 56 -9.39 29.96 -33.24
C PHE B 56 -7.95 30.15 -32.76
N VAL B 57 -7.64 31.32 -32.20
CA VAL B 57 -6.31 31.56 -31.63
C VAL B 57 -6.44 31.70 -30.12
N TRP B 58 -7.25 32.66 -29.67
CA TRP B 58 -7.46 32.85 -28.25
C TRP B 58 -8.24 31.71 -27.62
N TYR B 59 -8.84 30.85 -28.43
CA TYR B 59 -9.68 29.76 -27.93
C TYR B 59 -9.05 28.38 -28.10
N VAL B 60 -7.94 28.28 -28.83
CA VAL B 60 -7.31 27.00 -29.12
C VAL B 60 -5.92 26.89 -28.51
N PHE B 61 -5.07 27.89 -28.75
CA PHE B 61 -3.70 27.88 -28.25
C PHE B 61 -3.54 28.61 -26.93
N ILE B 62 -4.64 29.08 -26.33
CA ILE B 62 -4.56 29.82 -25.08
C ILE B 62 -5.34 29.07 -24.01
N VAL B 63 -6.62 28.85 -24.26
CA VAL B 63 -7.47 28.23 -23.25
C VAL B 63 -7.04 26.79 -22.98
N GLN B 64 -6.83 26.00 -24.02
CA GLN B 64 -6.47 24.61 -23.85
C GLN B 64 -4.98 24.33 -23.98
N LYS B 65 -4.16 25.35 -24.24
CA LYS B 65 -2.72 25.22 -24.27
C LYS B 65 -2.26 24.12 -25.22
N SER B 66 -2.60 24.30 -26.50
CA SER B 66 -2.22 23.33 -27.53
C SER B 66 -0.71 23.31 -27.77
N TYR B 67 0.02 24.31 -27.29
CA TYR B 67 1.46 24.43 -27.47
C TYR B 67 2.24 23.72 -26.38
N GLN B 68 1.66 22.72 -25.73
CA GLN B 68 2.30 22.05 -24.61
C GLN B 68 2.18 20.54 -24.75
N GLU B 69 3.28 19.85 -24.45
CA GLU B 69 3.26 18.43 -24.17
C GLU B 69 3.02 18.22 -22.67
N SER B 70 2.41 17.08 -22.34
CA SER B 70 1.93 16.85 -20.99
C SER B 70 2.41 15.52 -20.44
N GLU B 71 2.55 15.47 -19.12
CA GLU B 71 2.77 14.24 -18.37
C GLU B 71 1.71 14.17 -17.29
N THR B 72 0.92 13.10 -17.29
CA THR B 72 -0.12 12.89 -16.28
C THR B 72 0.31 11.76 -15.34
N GLY B 73 0.45 12.10 -14.07
CA GLY B 73 0.77 11.13 -13.04
C GLY B 73 2.25 11.19 -12.68
N PRO B 74 2.57 11.91 -11.62
CA PRO B 74 3.97 11.95 -11.17
C PRO B 74 4.31 10.83 -10.19
N GLU B 75 5.60 10.51 -10.10
CA GLU B 75 6.10 9.68 -9.01
C GLU B 75 6.06 10.50 -7.72
N SER B 76 5.46 9.93 -6.69
CA SER B 76 5.30 10.60 -5.41
C SER B 76 5.84 9.74 -4.28
N SER B 77 6.34 10.41 -3.24
CA SER B 77 6.61 9.79 -1.96
C SER B 77 5.74 10.45 -0.91
N ILE B 78 5.04 9.64 -0.12
CA ILE B 78 4.27 10.10 1.03
C ILE B 78 4.90 9.53 2.30
N ILE B 79 5.40 10.42 3.15
CA ILE B 79 5.79 10.09 4.52
C ILE B 79 4.82 10.77 5.46
N THR B 80 4.16 9.99 6.32
CA THR B 80 3.24 10.51 7.30
C THR B 80 3.76 10.28 8.72
N LYS B 81 3.28 11.12 9.64
CA LYS B 81 3.59 11.01 11.05
C LYS B 81 2.42 11.64 11.82
N VAL B 82 1.83 10.88 12.72
CA VAL B 82 0.74 11.37 13.57
C VAL B 82 1.31 11.68 14.94
N LYS B 83 0.78 12.73 15.56
CA LYS B 83 1.16 13.10 16.91
C LYS B 83 -0.12 13.38 17.70
N GLY B 84 -0.05 13.13 19.00
CA GLY B 84 -1.21 13.30 19.87
C GLY B 84 -1.41 12.08 20.73
N ILE B 85 -1.80 12.31 21.97
CA ILE B 85 -2.06 11.25 22.93
C ILE B 85 -3.45 11.45 23.51
N THR B 86 -4.12 10.34 23.80
CA THR B 86 -5.49 10.36 24.30
C THR B 86 -5.59 9.47 25.52
N THR B 87 -6.58 9.75 26.36
CA THR B 87 -6.77 9.05 27.63
C THR B 87 -8.13 8.38 27.67
N SER B 88 -8.13 7.13 28.14
CA SER B 88 -9.31 6.42 28.58
C SER B 88 -9.25 6.28 30.09
N GLU B 89 -10.19 5.54 30.66
CA GLU B 89 -10.23 5.34 32.10
C GLU B 89 -8.90 4.81 32.62
N HIS B 90 -8.17 5.64 33.36
CA HIS B 90 -6.85 5.31 33.90
C HIS B 90 -5.99 4.60 32.85
N LYS B 91 -5.79 5.30 31.74
CA LYS B 91 -5.02 4.76 30.63
C LYS B 91 -4.69 5.89 29.66
N VAL B 92 -3.42 5.99 29.28
CA VAL B 92 -2.94 6.97 28.32
C VAL B 92 -2.52 6.23 27.06
N TRP B 93 -3.07 6.65 25.92
CA TRP B 93 -2.76 6.05 24.63
C TRP B 93 -1.83 6.97 23.85
N ASP B 94 -0.83 6.36 23.22
CA ASP B 94 0.14 7.06 22.38
C ASP B 94 -0.05 6.65 20.92
N VAL B 95 0.72 7.32 20.05
CA VAL B 95 0.56 7.12 18.61
C VAL B 95 0.80 5.67 18.23
N GLU B 96 1.75 5.01 18.90
CA GLU B 96 2.06 3.62 18.57
C GLU B 96 0.84 2.72 18.74
N GLU B 97 0.02 3.00 19.74
CA GLU B 97 -1.15 2.17 20.02
C GLU B 97 -2.29 2.41 19.04
N TYR B 98 -2.59 3.68 18.70
CA TYR B 98 -3.80 3.97 17.94
C TYR B 98 -3.55 4.22 16.45
N VAL B 99 -2.30 4.19 15.99
CA VAL B 99 -2.01 4.34 14.56
C VAL B 99 -1.49 3.00 14.07
N LYS B 100 -2.19 2.43 13.09
CA LYS B 100 -1.85 1.14 12.54
C LYS B 100 -2.11 1.17 11.04
N PRO B 101 -1.12 0.85 10.19
CA PRO B 101 0.26 0.46 10.49
C PRO B 101 1.17 1.63 10.88
N PRO B 102 2.31 1.33 11.48
CA PRO B 102 3.19 2.38 12.05
C PRO B 102 4.24 2.98 11.12
N GLU B 103 4.38 2.49 9.88
CA GLU B 103 5.57 2.82 9.11
C GLU B 103 5.56 4.21 8.51
N GLY B 104 4.42 4.91 8.54
CA GLY B 104 4.38 6.29 8.09
C GLY B 104 4.20 6.45 6.60
N GLY B 105 3.22 5.74 6.04
CA GLY B 105 2.97 5.80 4.61
C GLY B 105 1.69 6.50 4.23
N SER B 106 1.20 6.20 3.03
CA SER B 106 0.06 6.91 2.48
C SER B 106 -1.25 6.51 3.14
N VAL B 107 -1.33 5.30 3.68
CA VAL B 107 -2.57 4.76 4.22
C VAL B 107 -2.31 4.31 5.66
N PHE B 108 -3.15 4.76 6.58
CA PHE B 108 -3.04 4.42 7.98
C PHE B 108 -4.39 4.66 8.64
N SER B 109 -4.58 4.03 9.79
CA SER B 109 -5.83 4.10 10.53
C SER B 109 -5.56 4.65 11.92
N ILE B 110 -6.31 5.65 12.33
CA ILE B 110 -6.28 6.19 13.68
C ILE B 110 -7.46 5.59 14.43
N ILE B 111 -7.14 4.78 15.44
CA ILE B 111 -8.16 4.06 16.20
C ILE B 111 -8.88 5.03 17.14
N THR B 112 -10.21 5.01 17.08
CA THR B 112 -11.04 5.87 17.92
C THR B 112 -11.83 5.10 18.96
N ARG B 113 -12.09 3.81 18.75
CA ARG B 113 -12.87 3.00 19.67
C ARG B 113 -12.41 1.55 19.53
N VAL B 114 -12.33 0.84 20.65
CA VAL B 114 -11.94 -0.56 20.67
C VAL B 114 -12.93 -1.36 21.49
N GLU B 115 -13.18 -2.59 21.04
CA GLU B 115 -13.84 -3.64 21.84
C GLU B 115 -12.75 -4.67 22.10
N ALA B 116 -12.31 -4.79 23.35
CA ALA B 116 -11.14 -5.59 23.68
C ALA B 116 -11.52 -6.78 24.56
N THR B 117 -11.02 -7.95 24.20
CA THR B 117 -11.23 -9.19 24.95
C THR B 117 -9.88 -9.67 25.48
N HIS B 118 -9.76 -9.75 26.79
CA HIS B 118 -8.50 -10.05 27.45
C HIS B 118 -8.43 -11.51 27.89
N SER B 119 -7.20 -12.00 28.02
CA SER B 119 -6.92 -13.33 28.58
C SER B 119 -7.58 -14.43 27.74
N GLN B 120 -7.36 -14.36 26.44
CA GLN B 120 -7.86 -15.36 25.51
C GLN B 120 -6.84 -16.49 25.37
N THR B 121 -7.29 -17.71 25.65
CA THR B 121 -6.46 -18.90 25.48
C THR B 121 -7.24 -19.94 24.68
N GLN B 122 -6.51 -20.78 23.96
CA GLN B 122 -7.11 -21.97 23.38
C GLN B 122 -7.76 -22.81 24.46
N GLY B 123 -9.04 -23.11 24.29
CA GLY B 123 -9.77 -23.87 25.28
C GLY B 123 -11.24 -23.96 24.93
N THR B 124 -12.01 -24.44 25.89
CA THR B 124 -13.44 -24.63 25.72
C THR B 124 -14.19 -23.48 26.38
N CYS B 125 -15.24 -23.01 25.69
CA CYS B 125 -16.07 -21.91 26.19
C CYS B 125 -17.39 -21.95 25.46
N PRO B 126 -18.44 -21.36 26.04
CA PRO B 126 -19.69 -21.23 25.30
C PRO B 126 -19.51 -20.38 24.05
N GLU B 127 -20.24 -20.75 23.00
CA GLU B 127 -20.18 -20.02 21.75
C GLU B 127 -21.10 -18.81 21.80
N SER B 128 -20.80 -17.83 20.94
CA SER B 128 -21.60 -16.62 20.90
C SER B 128 -23.04 -16.95 20.55
N ILE B 129 -23.97 -16.36 21.31
CA ILE B 129 -25.40 -16.53 21.04
C ILE B 129 -25.76 -15.99 19.67
N ARG B 130 -24.89 -15.17 19.08
CA ARG B 130 -25.11 -14.57 17.77
C ARG B 130 -24.82 -15.51 16.61
N VAL B 131 -24.33 -16.72 16.88
CA VAL B 131 -23.95 -17.66 15.84
C VAL B 131 -25.09 -18.64 15.59
N HIS B 132 -25.31 -18.96 14.32
CA HIS B 132 -26.42 -19.81 13.94
C HIS B 132 -26.36 -21.15 14.65
N ASN B 133 -27.51 -21.61 15.14
CA ASN B 133 -27.69 -22.89 15.81
C ASN B 133 -26.91 -22.98 17.12
N ALA B 134 -26.26 -21.90 17.56
CA ALA B 134 -25.44 -21.95 18.76
C ALA B 134 -26.28 -22.26 19.99
N THR B 135 -27.44 -21.64 20.09
CA THR B 135 -28.26 -21.80 21.29
C THR B 135 -28.78 -23.22 21.41
N CYS B 136 -28.73 -23.77 22.62
CA CYS B 136 -29.10 -25.16 22.86
C CYS B 136 -29.86 -25.26 24.17
N LEU B 137 -30.65 -26.33 24.28
CA LEU B 137 -31.35 -26.67 25.50
C LEU B 137 -30.78 -27.91 26.20
N SER B 138 -30.18 -28.82 25.45
CA SER B 138 -29.58 -30.02 26.02
C SER B 138 -28.41 -30.43 25.15
N ASP B 139 -27.58 -31.34 25.68
CA ASP B 139 -26.40 -31.77 24.96
C ASP B 139 -26.73 -32.40 23.61
N ALA B 140 -27.95 -32.91 23.45
CA ALA B 140 -28.34 -33.54 22.19
C ALA B 140 -28.53 -32.55 21.06
N ASP B 141 -28.71 -31.26 21.37
CA ASP B 141 -28.92 -30.26 20.33
C ASP B 141 -27.62 -29.80 19.68
N CYS B 142 -26.46 -30.17 20.25
CA CYS B 142 -25.16 -29.79 19.71
C CYS B 142 -24.43 -31.06 19.28
N VAL B 143 -23.88 -31.04 18.07
CA VAL B 143 -23.19 -32.19 17.49
C VAL B 143 -21.70 -31.87 17.41
N ALA B 144 -20.88 -32.87 17.76
CA ALA B 144 -19.44 -32.67 17.86
C ALA B 144 -18.78 -32.65 16.48
N GLY B 145 -17.77 -31.81 16.35
CA GLY B 145 -16.97 -31.72 15.15
C GLY B 145 -17.43 -30.66 14.17
N GLU B 146 -18.66 -30.18 14.29
CA GLU B 146 -19.17 -29.17 13.38
C GLU B 146 -18.36 -27.89 13.51
N LEU B 147 -17.98 -27.30 12.38
CA LEU B 147 -17.14 -26.12 12.34
C LEU B 147 -17.75 -25.09 11.39
N ASP B 148 -18.56 -24.19 11.94
CA ASP B 148 -19.07 -23.07 11.16
C ASP B 148 -17.96 -22.05 10.91
N MET B 149 -17.88 -21.56 9.66
CA MET B 149 -16.90 -20.53 9.34
C MET B 149 -17.16 -19.24 10.08
N LEU B 150 -18.43 -18.90 10.30
CA LEU B 150 -18.81 -17.67 10.96
C LEU B 150 -18.87 -17.84 12.48
N GLY B 151 -18.59 -19.03 12.98
CA GLY B 151 -18.47 -19.27 14.40
C GLY B 151 -17.08 -18.94 14.90
N ASN B 152 -16.78 -19.45 16.10
CA ASN B 152 -15.54 -19.10 16.79
C ASN B 152 -14.77 -20.31 17.29
N GLY B 153 -15.10 -21.51 16.82
CA GLY B 153 -14.28 -22.67 17.13
C GLY B 153 -14.96 -23.96 16.71
N LEU B 154 -14.48 -25.05 17.29
CA LEU B 154 -14.93 -26.39 16.97
C LEU B 154 -15.84 -26.90 18.07
N ARG B 155 -17.02 -27.39 17.69
CA ARG B 155 -18.04 -27.73 18.67
C ARG B 155 -17.69 -29.01 19.41
N THR B 156 -17.99 -29.06 20.71
CA THR B 156 -17.57 -30.19 21.57
C THR B 156 -18.66 -31.24 21.75
N GLY B 157 -19.92 -30.95 21.40
CA GLY B 157 -21.00 -31.88 21.65
C GLY B 157 -21.69 -31.68 22.98
N ARG B 158 -21.38 -30.60 23.69
CA ARG B 158 -21.98 -30.29 24.98
C ARG B 158 -22.70 -28.95 24.93
N CYS B 159 -23.66 -28.80 25.84
CA CYS B 159 -24.41 -27.56 26.01
C CYS B 159 -24.04 -26.98 27.37
N VAL B 160 -23.47 -25.78 27.36
CA VAL B 160 -22.98 -25.14 28.58
C VAL B 160 -23.72 -23.84 28.82
N PRO B 161 -23.85 -23.37 30.05
CA PRO B 161 -24.47 -22.06 30.29
C PRO B 161 -23.71 -20.95 29.59
N TYR B 162 -24.44 -19.95 29.11
CA TYR B 162 -23.83 -18.82 28.44
C TYR B 162 -23.15 -17.92 29.46
N TYR B 163 -22.29 -17.03 28.95
CA TYR B 163 -21.53 -16.13 29.83
C TYR B 163 -22.47 -15.36 30.75
N GLN B 164 -23.48 -14.73 30.16
CA GLN B 164 -24.56 -14.09 30.92
C GLN B 164 -25.80 -14.97 30.82
N GLY B 165 -26.35 -15.34 31.98
CA GLY B 165 -27.48 -16.23 32.01
C GLY B 165 -28.73 -15.57 31.49
N PRO B 166 -29.84 -16.32 31.48
CA PRO B 166 -29.97 -17.72 31.89
C PRO B 166 -29.83 -18.72 30.74
N SER B 167 -29.52 -18.22 29.55
CA SER B 167 -29.53 -19.06 28.37
C SER B 167 -28.36 -20.03 28.36
N LYS B 168 -28.43 -21.00 27.45
CA LYS B 168 -27.39 -21.99 27.26
C LYS B 168 -27.02 -22.05 25.78
N THR B 169 -25.75 -22.33 25.51
CA THR B 169 -25.22 -22.26 24.17
C THR B 169 -24.19 -23.36 23.97
N CYS B 170 -24.08 -23.84 22.73
CA CYS B 170 -23.19 -24.96 22.44
C CYS B 170 -21.74 -24.58 22.71
N GLU B 171 -21.01 -25.50 23.33
CA GLU B 171 -19.62 -25.28 23.70
C GLU B 171 -18.71 -25.56 22.51
N VAL B 172 -17.66 -24.74 22.38
CA VAL B 172 -16.70 -24.86 21.29
C VAL B 172 -15.30 -24.86 21.86
N PHE B 173 -14.36 -25.35 21.05
CA PHE B 173 -12.93 -25.24 21.31
C PHE B 173 -12.36 -24.19 20.38
N GLY B 174 -11.63 -23.24 20.96
CA GLY B 174 -11.02 -22.19 20.19
C GLY B 174 -10.40 -21.16 21.10
N TRP B 175 -10.18 -19.97 20.55
CA TRP B 175 -9.74 -18.84 21.35
C TRP B 175 -10.86 -18.40 22.28
N CYS B 176 -10.68 -18.62 23.58
CA CYS B 176 -11.72 -18.44 24.56
C CYS B 176 -11.24 -17.53 25.69
N PRO B 177 -12.12 -16.67 26.23
CA PRO B 177 -13.53 -16.50 25.87
C PRO B 177 -13.77 -15.75 24.56
N VAL B 178 -14.97 -15.88 24.03
CA VAL B 178 -15.33 -15.20 22.80
C VAL B 178 -15.64 -13.73 23.07
N GLU B 179 -15.38 -12.88 22.07
CA GLU B 179 -15.47 -11.45 22.27
C GLU B 179 -16.89 -11.02 22.61
N ASP B 180 -17.89 -11.67 22.01
CA ASP B 180 -19.27 -11.34 22.24
C ASP B 180 -19.75 -11.71 23.63
N GLY B 181 -18.87 -12.17 24.51
CA GLY B 181 -19.23 -12.47 25.88
C GLY B 181 -18.25 -11.95 26.92
N ALA B 182 -17.11 -11.39 26.47
CA ALA B 182 -16.11 -10.89 27.41
C ALA B 182 -15.46 -9.59 26.98
N SER B 183 -15.92 -8.94 25.92
CA SER B 183 -15.31 -7.71 25.46
C SER B 183 -15.72 -6.52 26.32
N VAL B 184 -14.79 -5.57 26.46
CA VAL B 184 -15.06 -4.29 27.10
C VAL B 184 -14.76 -3.20 26.08
N SER B 185 -15.63 -2.19 26.03
CA SER B 185 -15.51 -1.09 25.08
C SER B 185 -14.76 0.07 25.71
N GLN B 186 -13.87 0.67 24.92
CA GLN B 186 -13.14 1.87 25.31
C GLN B 186 -13.25 2.90 24.20
N PHE B 187 -13.65 4.12 24.56
CA PHE B 187 -13.62 5.24 23.64
C PHE B 187 -12.33 6.02 23.85
N LEU B 188 -11.52 6.11 22.79
CA LEU B 188 -10.29 6.88 22.80
C LEU B 188 -10.22 7.88 21.65
N GLY B 189 -11.36 8.35 21.18
CA GLY B 189 -11.44 9.43 20.21
C GLY B 189 -11.83 10.76 20.80
N THR B 190 -11.76 10.91 22.12
CA THR B 190 -12.18 12.15 22.78
C THR B 190 -11.35 13.34 22.32
N MET B 191 -10.04 13.16 22.18
CA MET B 191 -9.12 14.23 21.81
C MET B 191 -8.48 13.99 20.45
N ALA B 192 -9.02 13.05 19.68
CA ALA B 192 -8.58 12.77 18.33
C ALA B 192 -8.78 13.95 17.36
N PRO B 193 -9.81 14.79 17.52
CA PRO B 193 -9.88 15.97 16.65
C PRO B 193 -8.71 16.91 16.81
N ASN B 194 -8.02 16.88 17.95
CA ASN B 194 -6.86 17.70 18.22
C ASN B 194 -5.56 17.04 17.76
N PHE B 195 -5.59 15.79 17.32
CA PHE B 195 -4.41 15.15 16.78
C PHE B 195 -3.91 15.91 15.55
N THR B 196 -2.65 15.68 15.22
CA THR B 196 -2.00 16.31 14.08
C THR B 196 -1.29 15.28 13.22
N ILE B 197 -1.40 15.46 11.92
CA ILE B 197 -0.79 14.59 10.91
C ILE B 197 0.11 15.45 10.05
N LEU B 198 1.38 15.09 9.97
CA LEU B 198 2.32 15.71 9.05
C LEU B 198 2.45 14.83 7.82
N ILE B 199 2.09 15.39 6.67
CA ILE B 199 2.18 14.70 5.38
C ILE B 199 3.28 15.37 4.58
N LYS B 200 4.33 14.60 4.28
CA LYS B 200 5.43 15.07 3.46
C LYS B 200 5.30 14.45 2.08
N ASN B 201 5.30 15.29 1.05
CA ASN B 201 5.16 14.85 -0.32
C ASN B 201 6.21 15.52 -1.19
N SER B 202 6.81 14.71 -2.06
CA SER B 202 7.67 15.22 -3.12
C SER B 202 7.32 14.47 -4.38
N ILE B 203 7.10 15.21 -5.46
CA ILE B 203 6.70 14.65 -6.73
C ILE B 203 7.86 14.77 -7.72
N HIS B 204 7.82 13.92 -8.74
CA HIS B 204 8.81 13.93 -9.80
C HIS B 204 8.13 13.66 -11.13
N TYR B 205 8.39 14.54 -12.11
CA TYR B 205 7.98 14.28 -13.48
C TYR B 205 9.22 13.89 -14.28
N PRO B 206 9.41 12.60 -14.60
CA PRO B 206 10.67 12.18 -15.25
C PRO B 206 10.89 12.81 -16.62
N LYS B 207 9.84 13.04 -17.39
CA LYS B 207 10.03 13.57 -18.74
C LYS B 207 10.64 14.96 -18.70
N PHE B 208 10.06 15.84 -17.92
CA PHE B 208 10.49 17.21 -17.66
C PHE B 208 11.64 17.31 -16.67
N HIS B 209 11.98 16.22 -15.98
CA HIS B 209 12.96 16.27 -14.90
C HIS B 209 12.64 17.41 -13.94
N PHE B 210 11.38 17.47 -13.52
CA PHE B 210 10.90 18.53 -12.59
C PHE B 210 10.63 17.88 -11.23
N SER B 211 11.06 18.51 -10.14
CA SER B 211 10.81 17.99 -8.78
C SER B 211 10.35 19.13 -7.88
N LYS B 212 9.32 18.91 -7.07
CA LYS B 212 8.88 19.91 -6.07
C LYS B 212 8.30 19.20 -4.85
N GLY B 213 8.60 19.68 -3.66
CA GLY B 213 8.05 19.20 -2.41
C GLY B 213 7.12 20.22 -1.77
N ASN B 214 6.42 19.75 -0.74
CA ASN B 214 5.39 20.52 -0.05
C ASN B 214 5.88 21.17 1.24
N ILE B 215 7.17 21.08 1.53
CA ILE B 215 7.80 21.74 2.67
C ILE B 215 8.94 22.58 2.13
N ALA B 216 9.01 23.83 2.57
CA ALA B 216 10.01 24.76 2.08
C ALA B 216 11.33 24.62 2.85
N ASP B 217 12.41 25.00 2.18
CA ASP B 217 13.75 25.06 2.78
C ASP B 217 13.83 26.32 3.63
N ARG B 218 13.55 26.16 4.92
CA ARG B 218 13.53 27.28 5.86
C ARG B 218 14.37 26.92 7.07
N THR B 219 15.30 27.80 7.43
CA THR B 219 16.18 27.53 8.57
C THR B 219 15.48 27.75 9.89
N ASP B 220 14.43 28.56 9.93
CA ASP B 220 13.71 28.81 11.17
C ASP B 220 12.85 27.59 11.52
N GLY B 221 12.23 27.66 12.70
CA GLY B 221 11.38 26.59 13.17
C GLY B 221 9.94 26.74 12.73
N TYR B 222 9.73 26.92 11.43
CA TYR B 222 8.39 27.10 10.90
C TYR B 222 7.56 25.84 11.07
N LEU B 223 8.10 24.70 10.70
CA LEU B 223 7.37 23.43 10.76
C LEU B 223 7.16 22.98 12.19
N LYS B 224 7.47 23.82 13.18
CA LYS B 224 7.27 23.53 14.63
C LYS B 224 6.32 24.52 15.31
N ARG B 225 5.77 25.53 14.61
CA ARG B 225 4.88 26.50 15.22
C ARG B 225 3.85 26.94 14.20
N CYS B 226 3.56 26.06 13.24
CA CYS B 226 2.78 26.40 12.07
C CYS B 226 1.50 25.59 12.04
N THR B 227 0.46 26.22 11.50
CA THR B 227 -0.84 25.60 11.31
C THR B 227 -1.21 25.76 9.85
N PHE B 228 -1.53 24.66 9.19
CA PHE B 228 -1.86 24.73 7.77
C PHE B 228 -2.97 25.72 7.51
N HIS B 229 -2.77 26.53 6.47
CA HIS B 229 -3.79 27.46 5.95
C HIS B 229 -3.59 27.33 4.44
N GLU B 230 -4.64 27.05 3.68
CA GLU B 230 -4.56 26.83 2.20
C GLU B 230 -3.89 28.03 1.52
N ALA B 231 -3.86 29.20 2.16
CA ALA B 231 -3.34 30.44 1.56
C ALA B 231 -2.10 30.93 2.28
N SER B 232 -2.16 31.16 3.59
CA SER B 232 -1.05 31.78 4.31
C SER B 232 0.03 30.78 4.68
N ASP B 233 -0.34 29.51 4.86
CA ASP B 233 0.58 28.47 5.32
C ASP B 233 0.38 27.19 4.52
N LEU B 234 0.29 27.32 3.19
CA LEU B 234 0.15 26.14 2.34
C LEU B 234 1.34 25.21 2.43
N TYR B 235 2.48 25.68 2.92
CA TYR B 235 3.68 24.86 3.01
C TYR B 235 4.00 24.47 4.44
N CYS B 236 3.00 24.51 5.32
CA CYS B 236 3.00 23.80 6.59
C CYS B 236 2.03 22.63 6.44
N PRO B 237 2.48 21.48 5.97
CA PRO B 237 1.54 20.39 5.72
C PRO B 237 1.23 19.58 6.97
N ILE B 238 0.90 20.27 8.05
CA ILE B 238 0.52 19.65 9.31
C ILE B 238 -0.97 19.94 9.51
N PHE B 239 -1.77 18.87 9.49
CA PHE B 239 -3.22 18.96 9.54
C PHE B 239 -3.76 18.34 10.82
N LYS B 240 -4.66 19.07 11.48
CA LYS B 240 -5.48 18.46 12.51
C LYS B 240 -6.54 17.55 11.91
N LEU B 241 -6.83 16.47 12.62
CA LEU B 241 -7.85 15.52 12.20
C LEU B 241 -9.23 16.15 12.18
N GLY B 242 -9.52 16.99 13.18
CA GLY B 242 -10.78 17.70 13.17
C GLY B 242 -10.96 18.58 11.94
N PHE B 243 -9.92 19.32 11.56
CA PHE B 243 -9.92 20.09 10.33
C PHE B 243 -10.26 19.22 9.11
N ILE B 244 -9.55 18.11 8.97
CA ILE B 244 -9.77 17.20 7.86
C ILE B 244 -11.21 16.71 7.85
N VAL B 245 -11.76 16.45 9.02
CA VAL B 245 -13.12 15.91 9.09
C VAL B 245 -14.15 17.01 8.83
N GLU B 246 -13.78 18.27 9.07
CA GLU B 246 -14.68 19.42 8.79
C GLU B 246 -14.71 19.66 7.27
N LYS B 247 -13.57 19.48 6.57
CA LYS B 247 -13.49 19.75 5.14
C LYS B 247 -14.07 18.61 4.31
N ALA B 248 -14.19 17.42 4.89
CA ALA B 248 -14.90 16.31 4.27
C ALA B 248 -16.40 16.38 4.49
N GLY B 249 -16.85 17.30 5.33
CA GLY B 249 -18.27 17.51 5.57
C GLY B 249 -18.90 16.49 6.49
N GLU B 250 -18.12 15.95 7.41
CA GLU B 250 -18.56 14.85 8.25
C GLU B 250 -18.57 15.26 9.71
N SER B 251 -19.26 14.48 10.55
CA SER B 251 -19.28 14.69 12.02
C SER B 251 -18.17 13.83 12.61
N PHE B 252 -17.39 14.36 13.56
CA PHE B 252 -16.26 13.62 14.16
C PHE B 252 -16.82 12.51 15.06
N THR B 253 -17.97 12.71 15.71
CA THR B 253 -18.60 11.71 16.62
C THR B 253 -19.06 10.49 15.83
N GLU B 254 -19.88 10.66 14.80
CA GLU B 254 -20.39 9.53 13.96
C GLU B 254 -19.20 8.75 13.44
N LEU B 255 -18.21 9.41 12.85
CA LEU B 255 -17.03 8.79 12.27
C LEU B 255 -16.11 8.17 13.31
N ALA B 256 -16.19 8.62 14.56
CA ALA B 256 -15.36 8.07 15.62
C ALA B 256 -15.95 6.82 16.24
N HIS B 257 -17.27 6.63 16.14
CA HIS B 257 -17.89 5.44 16.74
C HIS B 257 -18.08 4.31 15.73
N LYS B 258 -18.42 4.64 14.48
CA LYS B 258 -18.58 3.60 13.46
C LYS B 258 -17.29 3.40 12.67
N GLY B 259 -16.50 4.45 12.53
CA GLY B 259 -15.34 4.44 11.66
C GLY B 259 -15.65 4.98 10.27
N GLY B 260 -14.60 5.12 9.48
CA GLY B 260 -14.75 5.64 8.15
C GLY B 260 -13.41 5.89 7.50
N VAL B 261 -13.46 6.38 6.26
CA VAL B 261 -12.29 6.61 5.44
C VAL B 261 -12.37 8.00 4.86
N ILE B 262 -11.35 8.82 5.10
CA ILE B 262 -11.26 10.18 4.59
C ILE B 262 -10.04 10.25 3.67
N GLY B 263 -10.28 10.72 2.44
CA GLY B 263 -9.17 10.97 1.54
C GLY B 263 -8.60 12.37 1.72
N VAL B 264 -7.27 12.45 1.68
CA VAL B 264 -6.55 13.71 1.63
C VAL B 264 -5.94 13.78 0.24
N ILE B 265 -6.51 14.60 -0.62
CA ILE B 265 -6.09 14.64 -2.02
C ILE B 265 -5.20 15.84 -2.22
N ILE B 266 -4.03 15.60 -2.80
CA ILE B 266 -3.06 16.64 -3.13
C ILE B 266 -2.97 16.68 -4.64
N ASN B 267 -3.27 17.82 -5.22
CA ASN B 267 -3.20 18.01 -6.66
C ASN B 267 -2.04 18.92 -7.00
N TRP B 268 -1.18 18.47 -7.92
CA TRP B 268 -0.06 19.24 -8.44
C TRP B 268 -0.34 19.51 -9.91
N ASP B 269 -0.93 20.68 -10.17
CA ASP B 269 -1.26 21.11 -11.53
C ASP B 269 -0.34 22.28 -11.87
N CYS B 270 0.73 21.98 -12.58
CA CYS B 270 1.85 22.90 -12.73
C CYS B 270 2.09 23.21 -14.20
N ASP B 271 2.34 24.48 -14.49
CA ASP B 271 2.76 24.92 -15.81
C ASP B 271 4.24 25.21 -15.73
N LEU B 272 5.04 24.37 -16.39
CA LEU B 272 6.53 24.42 -16.32
C LEU B 272 7.08 25.54 -17.18
N ASP B 273 6.31 26.08 -18.13
CA ASP B 273 6.74 27.26 -18.85
C ASP B 273 6.88 28.46 -17.92
N LEU B 274 6.41 28.33 -16.69
CA LEU B 274 6.49 29.31 -15.64
C LEU B 274 7.49 28.89 -14.57
N PRO B 275 7.81 29.77 -13.63
CA PRO B 275 8.74 29.41 -12.56
C PRO B 275 8.19 28.30 -11.68
N ALA B 276 9.10 27.57 -11.05
CA ALA B 276 8.72 26.50 -10.13
C ALA B 276 7.95 27.03 -8.93
N SER B 277 8.05 28.34 -8.65
CA SER B 277 7.27 28.95 -7.58
C SER B 277 5.79 28.97 -7.88
N GLU B 278 5.38 28.68 -9.11
CA GLU B 278 3.98 28.60 -9.46
C GLU B 278 3.42 27.19 -9.34
N CYS B 279 4.29 26.20 -9.18
CA CYS B 279 3.88 24.81 -9.03
C CYS B 279 3.68 24.57 -7.54
N ASN B 280 2.41 24.49 -7.13
CA ASN B 280 2.07 24.41 -5.73
C ASN B 280 1.04 23.31 -5.49
N PRO B 281 0.97 22.77 -4.29
CA PRO B 281 -0.02 21.74 -3.99
C PRO B 281 -1.38 22.34 -3.69
N LYS B 282 -2.41 21.60 -4.10
CA LYS B 282 -3.80 21.92 -3.83
C LYS B 282 -4.38 20.79 -2.99
N TYR B 283 -4.88 21.12 -1.80
CA TYR B 283 -5.34 20.13 -0.84
C TYR B 283 -6.87 20.05 -0.83
N SER B 284 -7.38 18.82 -0.85
CA SER B 284 -8.79 18.53 -0.84
C SER B 284 -9.05 17.41 0.17
N PHE B 285 -10.19 17.47 0.82
CA PHE B 285 -10.56 16.52 1.86
C PHE B 285 -11.98 16.05 1.61
N ARG B 286 -12.14 14.75 1.36
CA ARG B 286 -13.46 14.17 1.16
C ARG B 286 -13.49 12.74 1.69
N ARG B 287 -14.66 12.34 2.16
CA ARG B 287 -14.89 10.97 2.57
C ARG B 287 -14.96 10.05 1.35
N LEU B 288 -14.31 8.90 1.46
CA LEU B 288 -14.23 7.95 0.36
C LEU B 288 -15.17 6.77 0.50
N ASP B 289 -15.55 6.42 1.72
CA ASP B 289 -16.40 5.27 1.94
C ASP B 289 -17.87 5.67 1.97
N PRO B 290 -18.78 4.76 1.67
CA PRO B 290 -20.20 5.12 1.65
C PRO B 290 -20.68 5.58 3.00
N LYS B 291 -21.54 6.59 2.99
CA LYS B 291 -22.11 7.17 4.20
C LYS B 291 -23.59 6.89 4.47
N HIS B 292 -24.26 6.17 3.57
CA HIS B 292 -25.67 5.81 3.74
C HIS B 292 -25.91 4.32 3.74
N VAL B 293 -24.88 3.50 3.55
CA VAL B 293 -25.01 2.05 3.52
C VAL B 293 -25.29 1.55 4.93
N PRO B 294 -26.45 0.96 5.20
CA PRO B 294 -26.74 0.49 6.57
C PRO B 294 -26.18 -0.89 6.84
N ALA B 295 -26.06 -1.72 5.81
CA ALA B 295 -25.54 -3.07 5.99
C ALA B 295 -24.10 -3.03 6.49
N SER B 296 -23.24 -2.29 5.81
CA SER B 296 -21.85 -2.10 6.23
C SER B 296 -21.61 -0.60 6.35
N SER B 297 -21.74 -0.07 7.57
CA SER B 297 -21.61 1.35 7.84
C SER B 297 -20.36 1.57 8.69
N GLY B 298 -19.25 1.88 8.03
CA GLY B 298 -18.05 2.26 8.74
C GLY B 298 -16.77 1.58 8.31
N TYR B 299 -15.88 1.39 9.27
CA TYR B 299 -14.58 0.77 9.07
C TYR B 299 -14.11 0.19 10.39
N ASN B 300 -13.59 -1.04 10.33
CA ASN B 300 -13.16 -1.75 11.52
C ASN B 300 -12.22 -2.86 11.11
N PHE B 301 -11.39 -3.28 12.07
CA PHE B 301 -10.51 -4.41 11.88
C PHE B 301 -10.16 -4.95 13.26
N ARG B 302 -9.74 -6.22 13.29
CA ARG B 302 -9.37 -6.87 14.54
C ARG B 302 -7.87 -7.14 14.52
N PHE B 303 -7.25 -7.01 15.69
CA PHE B 303 -5.86 -7.40 15.87
C PHE B 303 -5.68 -7.86 17.31
N ALA B 304 -4.64 -8.66 17.54
CA ALA B 304 -4.42 -9.30 18.81
C ALA B 304 -3.00 -9.07 19.28
N LYS B 305 -2.81 -9.17 20.58
CA LYS B 305 -1.53 -9.00 21.24
C LYS B 305 -1.21 -10.30 21.97
N TYR B 306 -0.11 -10.94 21.62
CA TYR B 306 0.19 -12.27 22.11
C TYR B 306 1.21 -12.23 23.24
N TYR B 307 0.93 -12.99 24.29
CA TYR B 307 1.77 -13.07 25.47
C TYR B 307 1.93 -14.54 25.84
N LYS B 308 2.85 -14.80 26.76
CA LYS B 308 3.05 -16.14 27.31
C LYS B 308 3.05 -16.03 28.83
N ILE B 309 1.97 -16.48 29.45
CA ILE B 309 1.82 -16.46 30.90
C ILE B 309 1.89 -17.89 31.39
N ASN B 310 2.93 -18.20 32.16
CA ASN B 310 3.15 -19.54 32.70
C ASN B 310 3.28 -20.59 31.59
N GLY B 311 3.94 -20.22 30.50
CA GLY B 311 4.14 -21.13 29.39
C GLY B 311 2.96 -21.29 28.47
N THR B 312 1.86 -20.58 28.73
CA THR B 312 0.66 -20.66 27.92
C THR B 312 0.56 -19.44 27.03
N THR B 313 0.31 -19.67 25.74
CA THR B 313 0.13 -18.57 24.79
C THR B 313 -1.21 -17.91 25.06
N THR B 314 -1.18 -16.64 25.45
CA THR B 314 -2.37 -15.87 25.76
C THR B 314 -2.37 -14.61 24.92
N ARG B 315 -3.56 -14.15 24.55
CA ARG B 315 -3.68 -12.98 23.70
C ARG B 315 -4.81 -12.07 24.18
N THR B 316 -4.68 -10.80 23.85
CA THR B 316 -5.76 -9.83 23.99
C THR B 316 -6.20 -9.44 22.59
N LEU B 317 -7.43 -9.80 22.25
CA LEU B 317 -8.01 -9.47 20.94
C LEU B 317 -8.65 -8.09 21.00
N ILE B 318 -8.34 -7.26 20.00
CA ILE B 318 -8.87 -5.91 19.90
C ILE B 318 -9.63 -5.80 18.58
N LYS B 319 -10.91 -5.43 18.67
CA LYS B 319 -11.66 -4.96 17.51
C LYS B 319 -11.61 -3.44 17.52
N ALA B 320 -11.05 -2.87 16.46
CA ALA B 320 -10.76 -1.44 16.40
C ALA B 320 -11.64 -0.77 15.37
N TYR B 321 -12.37 0.26 15.79
CA TYR B 321 -13.05 1.18 14.90
C TYR B 321 -12.20 2.43 14.80
N GLY B 322 -12.07 2.97 13.59
CA GLY B 322 -11.26 4.15 13.42
C GLY B 322 -11.45 4.81 12.07
N ILE B 323 -10.72 5.91 11.89
CA ILE B 323 -10.74 6.71 10.68
C ILE B 323 -9.49 6.38 9.89
N ARG B 324 -9.66 5.83 8.70
CA ARG B 324 -8.53 5.58 7.81
C ARG B 324 -8.26 6.81 6.96
N ILE B 325 -6.99 7.16 6.83
CA ILE B 325 -6.55 8.31 6.06
C ILE B 325 -5.84 7.81 4.82
N ASP B 326 -6.45 8.05 3.66
CA ASP B 326 -5.84 7.86 2.36
C ASP B 326 -5.25 9.17 1.88
N VAL B 327 -3.94 9.19 1.62
CA VAL B 327 -3.30 10.32 0.98
C VAL B 327 -3.14 9.97 -0.49
N ILE B 328 -3.92 10.63 -1.34
CA ILE B 328 -3.97 10.37 -2.76
C ILE B 328 -3.37 11.58 -3.46
N VAL B 329 -2.48 11.33 -4.42
CA VAL B 329 -1.74 12.39 -5.09
C VAL B 329 -2.07 12.36 -6.57
N HIS B 330 -2.58 13.47 -7.08
CA HIS B 330 -2.88 13.62 -8.52
C HIS B 330 -1.92 14.70 -9.02
N GLY B 331 -1.58 14.70 -10.30
CA GLY B 331 -0.72 15.75 -10.86
C GLY B 331 -0.78 15.83 -12.37
N GLN B 332 -0.61 17.03 -12.93
CA GLN B 332 -0.60 17.25 -14.40
C GLN B 332 0.35 18.41 -14.70
N ALA B 333 1.50 18.14 -15.32
CA ALA B 333 2.50 19.18 -15.68
C ALA B 333 2.41 19.47 -17.18
N GLY B 334 2.57 20.72 -17.62
CA GLY B 334 2.65 21.04 -19.03
C GLY B 334 3.82 21.93 -19.35
N LYS B 335 4.52 21.62 -20.44
CA LYS B 335 5.71 22.35 -20.84
C LYS B 335 5.70 22.51 -22.36
N PHE B 336 6.13 23.68 -22.82
CA PHE B 336 6.17 23.97 -24.25
C PHE B 336 7.03 22.96 -25.00
N SER B 337 6.50 22.45 -26.10
CA SER B 337 7.24 21.60 -27.03
C SER B 337 6.97 22.08 -28.45
N LEU B 338 8.02 22.12 -29.27
CA LEU B 338 7.90 22.69 -30.60
C LEU B 338 7.05 21.80 -31.51
N ILE B 339 7.21 20.49 -31.40
CA ILE B 339 6.55 19.56 -32.32
C ILE B 339 5.03 19.69 -32.21
N PRO B 340 4.45 19.52 -31.02
CA PRO B 340 2.99 19.70 -30.90
C PRO B 340 2.52 21.09 -31.31
N THR B 341 3.31 22.12 -31.00
CA THR B 341 2.92 23.47 -31.40
C THR B 341 2.82 23.59 -32.91
N ILE B 342 3.81 23.08 -33.63
CA ILE B 342 3.79 23.15 -35.09
C ILE B 342 2.63 22.34 -35.65
N ILE B 343 2.41 21.14 -35.10
CA ILE B 343 1.33 20.29 -35.61
C ILE B 343 -0.03 20.97 -35.41
N ASN B 344 -0.26 21.52 -34.21
CA ASN B 344 -1.52 22.18 -33.94
C ASN B 344 -1.67 23.46 -34.76
N LEU B 345 -0.57 24.19 -34.99
CA LEU B 345 -0.64 25.36 -35.85
C LEU B 345 -1.01 24.97 -37.28
N ALA B 346 -0.46 23.87 -37.77
CA ALA B 346 -0.83 23.39 -39.10
C ALA B 346 -2.31 23.02 -39.16
N THR B 347 -2.80 22.35 -38.13
CA THR B 347 -4.22 21.99 -38.10
C THR B 347 -5.09 23.25 -38.08
N ALA B 348 -4.71 24.24 -37.28
CA ALA B 348 -5.48 25.48 -37.21
C ALA B 348 -5.46 26.21 -38.56
N LEU B 349 -4.31 26.23 -39.22
CA LEU B 349 -4.24 26.86 -40.54
C LEU B 349 -5.11 26.13 -41.55
N THR B 350 -5.13 24.79 -41.48
CA THR B 350 -6.03 24.04 -42.35
C THR B 350 -7.49 24.39 -42.09
N SER B 351 -7.87 24.48 -40.82
CA SER B 351 -9.24 24.86 -40.49
C SER B 351 -9.56 26.26 -41.02
N VAL B 352 -8.62 27.19 -40.87
CA VAL B 352 -8.83 28.55 -41.37
C VAL B 352 -9.01 28.54 -42.89
N GLY B 353 -8.16 27.76 -43.58
CA GLY B 353 -8.27 27.67 -45.02
C GLY B 353 -9.62 27.13 -45.47
N VAL B 354 -10.08 26.07 -44.81
CA VAL B 354 -11.41 25.54 -45.13
C VAL B 354 -12.49 26.56 -44.82
N GLY B 355 -12.36 27.24 -43.68
CA GLY B 355 -13.33 28.26 -43.29
C GLY B 355 -13.06 29.61 -43.91
N VAL C 43 -31.31 11.66 -57.29
CA VAL C 43 -30.01 12.27 -57.46
C VAL C 43 -28.91 11.31 -56.97
N LEU C 44 -27.90 11.10 -57.80
CA LEU C 44 -26.79 10.23 -57.41
C LEU C 44 -26.07 10.79 -56.20
N TYR C 45 -25.83 12.11 -56.17
CA TYR C 45 -25.18 12.71 -55.02
C TYR C 45 -25.98 12.48 -53.74
N ARG C 46 -27.31 12.42 -53.84
CA ARG C 46 -28.13 12.17 -52.66
C ARG C 46 -27.75 10.84 -52.02
N ALA C 47 -27.74 9.76 -52.82
CA ALA C 47 -27.37 8.46 -52.29
C ALA C 47 -25.92 8.42 -51.84
N VAL C 48 -25.02 9.07 -52.60
CA VAL C 48 -23.61 9.06 -52.25
C VAL C 48 -23.40 9.69 -50.87
N GLN C 49 -24.00 10.85 -50.64
CA GLN C 49 -23.85 11.52 -49.35
C GLN C 49 -24.62 10.82 -48.25
N LEU C 50 -25.74 10.16 -48.57
CA LEU C 50 -26.43 9.37 -47.56
C LEU C 50 -25.56 8.23 -47.07
N LEU C 51 -24.86 7.57 -48.00
CA LEU C 51 -23.93 6.52 -47.60
C LEU C 51 -22.75 7.08 -46.82
N ILE C 52 -22.18 8.20 -47.29
CA ILE C 52 -21.00 8.77 -46.64
C ILE C 52 -21.34 9.20 -45.21
N LEU C 53 -22.46 9.89 -45.04
CA LEU C 53 -22.82 10.42 -43.73
C LEU C 53 -23.04 9.29 -42.72
N LEU C 54 -23.88 8.31 -43.08
CA LEU C 54 -24.14 7.21 -42.16
C LEU C 54 -22.87 6.47 -41.78
N TYR C 55 -21.92 6.37 -42.73
CA TYR C 55 -20.67 5.68 -42.43
C TYR C 55 -19.87 6.42 -41.36
N PHE C 56 -19.91 7.75 -41.38
CA PHE C 56 -19.16 8.57 -40.44
C PHE C 56 -20.04 9.15 -39.33
N VAL C 57 -21.27 8.65 -39.20
CA VAL C 57 -22.15 9.05 -38.11
C VAL C 57 -22.35 7.87 -37.16
N TRP C 58 -22.86 6.76 -37.70
CA TRP C 58 -23.08 5.57 -36.88
C TRP C 58 -21.77 4.94 -36.45
N TYR C 59 -20.64 5.35 -37.05
CA TYR C 59 -19.35 4.74 -36.76
C TYR C 59 -18.41 5.66 -35.98
N VAL C 60 -18.77 6.92 -35.80
CA VAL C 60 -17.90 7.90 -35.14
C VAL C 60 -18.53 8.42 -33.84
N PHE C 61 -19.77 8.88 -33.91
CA PHE C 61 -20.46 9.44 -32.75
C PHE C 61 -21.30 8.42 -32.00
N ILE C 62 -21.25 7.16 -32.40
CA ILE C 62 -22.06 6.13 -31.74
C ILE C 62 -21.14 5.07 -31.15
N VAL C 63 -20.31 4.45 -32.01
CA VAL C 63 -19.47 3.36 -31.55
C VAL C 63 -18.43 3.85 -30.54
N GLN C 64 -17.74 4.94 -30.85
CA GLN C 64 -16.69 5.44 -29.98
C GLN C 64 -17.13 6.60 -29.09
N LYS C 65 -18.38 7.03 -29.19
CA LYS C 65 -18.95 8.03 -28.31
C LYS C 65 -18.10 9.31 -28.29
N SER C 66 -17.97 9.93 -29.47
CA SER C 66 -17.21 11.16 -29.59
C SER C 66 -17.87 12.34 -28.87
N TYR C 67 -19.13 12.21 -28.50
CA TYR C 67 -19.89 13.26 -27.83
C TYR C 67 -19.74 13.22 -26.31
N GLN C 68 -18.65 12.65 -25.81
CA GLN C 68 -18.46 12.47 -24.38
C GLN C 68 -17.07 12.92 -23.96
N GLU C 69 -17.00 13.62 -22.83
CA GLU C 69 -15.77 13.80 -22.10
C GLU C 69 -15.61 12.66 -21.10
N SER C 70 -14.37 12.33 -20.76
CA SER C 70 -14.06 11.14 -20.00
C SER C 70 -13.16 11.45 -18.81
N GLU C 71 -13.31 10.63 -17.77
CA GLU C 71 -12.40 10.58 -16.64
C GLU C 71 -11.94 9.15 -16.47
N THR C 72 -10.63 8.93 -16.51
CA THR C 72 -10.06 7.60 -16.33
C THR C 72 -9.36 7.54 -14.98
N GLY C 73 -9.84 6.65 -14.11
CA GLY C 73 -9.25 6.41 -12.83
C GLY C 73 -10.01 7.11 -11.73
N PRO C 74 -10.90 6.39 -11.06
CA PRO C 74 -11.63 6.99 -9.93
C PRO C 74 -10.89 6.84 -8.61
N GLU C 75 -11.22 7.70 -7.66
CA GLU C 75 -10.83 7.52 -6.27
C GLU C 75 -11.64 6.37 -5.70
N SER C 76 -10.95 5.40 -5.09
CA SER C 76 -11.61 4.23 -4.53
C SER C 76 -11.20 4.03 -3.09
N SER C 77 -12.12 3.45 -2.31
CA SER C 77 -11.82 2.90 -0.99
C SER C 77 -12.09 1.41 -1.02
N ILE C 78 -11.12 0.62 -0.55
CA ILE C 78 -11.28 -0.81 -0.37
C ILE C 78 -11.20 -1.12 1.11
N ILE C 79 -12.28 -1.64 1.67
CA ILE C 79 -12.30 -2.24 3.01
C ILE C 79 -12.54 -3.73 2.83
N THR C 80 -11.64 -4.54 3.37
CA THR C 80 -11.76 -5.99 3.32
C THR C 80 -11.91 -6.57 4.72
N LYS C 81 -12.52 -7.75 4.77
CA LYS C 81 -12.71 -8.51 5.99
C LYS C 81 -12.79 -9.98 5.61
N VAL C 82 -11.92 -10.80 6.19
CA VAL C 82 -11.93 -12.24 5.96
C VAL C 82 -12.59 -12.92 7.15
N LYS C 83 -13.33 -13.99 6.88
CA LYS C 83 -13.95 -14.78 7.92
C LYS C 83 -13.69 -16.25 7.61
N GLY C 84 -13.62 -17.05 8.67
CA GLY C 84 -13.32 -18.46 8.55
C GLY C 84 -12.22 -18.85 9.51
N ILE C 85 -12.37 -20.05 10.08
CA ILE C 85 -11.40 -20.60 11.02
C ILE C 85 -10.98 -21.97 10.54
N THR C 86 -9.72 -22.31 10.77
CA THR C 86 -9.15 -23.58 10.32
C THR C 86 -8.42 -24.25 11.47
N THR C 87 -8.30 -25.56 11.37
CA THR C 87 -7.71 -26.38 12.43
C THR C 87 -6.48 -27.13 11.93
N SER C 88 -5.44 -27.11 12.74
CA SER C 88 -4.29 -28.00 12.63
C SER C 88 -4.35 -28.98 13.81
N GLU C 89 -3.31 -29.79 13.94
CA GLU C 89 -3.25 -30.77 15.02
C GLU C 89 -3.46 -30.10 16.37
N HIS C 90 -4.59 -30.37 17.01
CA HIS C 90 -4.97 -29.78 18.29
C HIS C 90 -4.65 -28.28 18.33
N LYS C 91 -5.25 -27.56 17.38
CA LYS C 91 -5.04 -26.12 17.26
C LYS C 91 -6.08 -25.55 16.32
N VAL C 92 -6.73 -24.47 16.76
CA VAL C 92 -7.73 -23.76 15.97
C VAL C 92 -7.16 -22.40 15.61
N TRP C 93 -7.15 -22.08 14.33
CA TRP C 93 -6.67 -20.81 13.82
C TRP C 93 -7.82 -19.90 13.46
N ASP C 94 -7.70 -18.63 13.83
CA ASP C 94 -8.69 -17.60 13.55
C ASP C 94 -8.11 -16.60 12.55
N VAL C 95 -8.96 -15.67 12.13
CA VAL C 95 -8.59 -14.71 11.09
C VAL C 95 -7.38 -13.88 11.52
N GLU C 96 -7.31 -13.55 12.81
CA GLU C 96 -6.20 -12.72 13.29
C GLU C 96 -4.87 -13.40 13.04
N GLU C 97 -4.81 -14.73 13.17
CA GLU C 97 -3.57 -15.46 13.00
C GLU C 97 -3.15 -15.60 11.54
N TYR C 98 -4.09 -15.90 10.63
CA TYR C 98 -3.72 -16.25 9.27
C TYR C 98 -3.91 -15.11 8.26
N VAL C 99 -4.44 -13.97 8.67
CA VAL C 99 -4.56 -12.82 7.79
C VAL C 99 -3.57 -11.76 8.25
N LYS C 100 -2.65 -11.39 7.36
CA LYS C 100 -1.62 -10.42 7.67
C LYS C 100 -1.39 -9.55 6.44
N PRO C 101 -1.49 -8.21 6.55
CA PRO C 101 -1.83 -7.41 7.73
C PRO C 101 -3.32 -7.41 8.08
N PRO C 102 -3.64 -6.98 9.29
CA PRO C 102 -5.02 -7.09 9.80
C PRO C 102 -5.95 -5.90 9.52
N GLU C 103 -5.48 -4.81 8.93
CA GLU C 103 -6.24 -3.58 8.95
C GLU C 103 -7.41 -3.56 7.98
N GLY C 104 -7.49 -4.52 7.06
CA GLY C 104 -8.64 -4.61 6.18
C GLY C 104 -8.56 -3.74 4.95
N GLY C 105 -7.43 -3.80 4.25
CA GLY C 105 -7.23 -2.99 3.08
C GLY C 105 -7.21 -3.76 1.77
N SER C 106 -6.60 -3.16 0.75
CA SER C 106 -6.65 -3.73 -0.59
C SER C 106 -5.75 -4.94 -0.73
N VAL C 107 -4.69 -5.04 0.07
CA VAL C 107 -3.70 -6.09 -0.06
C VAL C 107 -3.55 -6.79 1.28
N PHE C 108 -3.64 -8.12 1.27
CA PHE C 108 -3.53 -8.93 2.47
C PHE C 108 -3.17 -10.34 2.04
N SER C 109 -2.63 -11.10 2.99
CA SER C 109 -2.20 -12.47 2.76
C SER C 109 -2.93 -13.41 3.71
N ILE C 110 -3.50 -14.46 3.15
CA ILE C 110 -4.10 -15.54 3.92
C ILE C 110 -3.10 -16.67 4.00
N ILE C 111 -2.63 -16.95 5.21
CA ILE C 111 -1.60 -17.95 5.43
C ILE C 111 -2.20 -19.33 5.30
N THR C 112 -1.56 -20.18 4.49
CA THR C 112 -2.00 -21.55 4.25
C THR C 112 -1.06 -22.58 4.84
N ARG C 113 0.21 -22.25 5.03
CA ARG C 113 1.20 -23.18 5.54
C ARG C 113 2.28 -22.39 6.27
N VAL C 114 2.76 -22.93 7.39
CA VAL C 114 3.81 -22.29 8.18
C VAL C 114 4.90 -23.30 8.49
N GLU C 115 6.14 -22.81 8.49
CA GLU C 115 7.28 -23.52 9.09
C GLU C 115 7.66 -22.68 10.31
N ALA C 116 7.45 -23.23 11.50
CA ALA C 116 7.58 -22.48 12.74
C ALA C 116 8.71 -23.02 13.60
N THR C 117 9.54 -22.10 14.10
CA THR C 117 10.66 -22.42 14.98
C THR C 117 10.41 -21.77 16.33
N HIS C 118 10.29 -22.58 17.37
CA HIS C 118 9.92 -22.12 18.69
C HIS C 118 11.13 -21.99 19.61
N SER C 119 10.98 -21.13 20.61
CA SER C 119 11.95 -20.96 21.69
C SER C 119 13.31 -20.52 21.14
N GLN C 120 13.27 -19.48 20.31
CA GLN C 120 14.47 -18.89 19.75
C GLN C 120 15.00 -17.81 20.68
N THR C 121 16.25 -17.96 21.09
CA THR C 121 16.94 -16.97 21.91
C THR C 121 18.29 -16.64 21.30
N GLN C 122 18.75 -15.42 21.54
CA GLN C 122 20.14 -15.08 21.23
C GLN C 122 21.08 -16.04 21.95
N GLY C 123 21.95 -16.68 21.19
CA GLY C 123 22.86 -17.64 21.77
C GLY C 123 23.66 -18.33 20.68
N THR C 124 24.35 -19.39 21.10
CA THR C 124 25.21 -20.17 20.21
C THR C 124 24.49 -21.44 19.79
N CYS C 125 24.62 -21.78 18.51
CA CYS C 125 23.99 -22.97 17.95
C CYS C 125 24.71 -23.33 16.66
N PRO C 126 24.64 -24.59 16.24
CA PRO C 126 25.17 -24.94 14.92
C PRO C 126 24.46 -24.18 13.81
N GLU C 127 25.22 -23.83 12.78
CA GLU C 127 24.67 -23.12 11.64
C GLU C 127 24.03 -24.10 10.67
N SER C 128 23.11 -23.58 9.86
CA SER C 128 22.41 -24.40 8.89
C SER C 128 23.41 -25.02 7.92
N ILE C 129 23.26 -26.33 7.68
CA ILE C 129 24.10 -27.03 6.73
C ILE C 129 23.92 -26.47 5.31
N ARG C 130 22.85 -25.71 5.10
CA ARG C 130 22.55 -25.11 3.80
C ARG C 130 23.35 -23.85 3.52
N VAL C 131 24.16 -23.38 4.46
CA VAL C 131 24.90 -22.14 4.32
C VAL C 131 26.32 -22.46 3.85
N HIS C 132 26.83 -21.62 2.95
CA HIS C 132 28.13 -21.86 2.34
C HIS C 132 29.21 -21.94 3.41
N ASN C 133 30.10 -22.92 3.26
CA ASN C 133 31.25 -23.14 4.12
C ASN C 133 30.84 -23.52 5.55
N ALA C 134 29.55 -23.70 5.82
CA ALA C 134 29.11 -23.97 7.18
C ALA C 134 29.64 -25.30 7.68
N THR C 135 29.64 -26.33 6.83
CA THR C 135 30.04 -27.66 7.26
C THR C 135 31.53 -27.68 7.59
N CYS C 136 31.87 -28.35 8.68
CA CYS C 136 33.23 -28.37 9.17
C CYS C 136 33.57 -29.76 9.70
N LEU C 137 34.87 -30.07 9.74
CA LEU C 137 35.38 -31.29 10.32
C LEU C 137 36.13 -31.06 11.63
N SER C 138 36.72 -29.88 11.81
CA SER C 138 37.45 -29.55 13.03
C SER C 138 37.34 -28.05 13.26
N ASP C 139 37.71 -27.63 14.46
CA ASP C 139 37.60 -26.22 14.82
C ASP C 139 38.43 -25.33 13.91
N ALA C 140 39.47 -25.88 13.27
CA ALA C 140 40.32 -25.09 12.41
C ALA C 140 39.64 -24.70 11.11
N ASP C 141 38.57 -25.38 10.72
CA ASP C 141 37.88 -25.08 9.47
C ASP C 141 36.93 -23.89 9.60
N CYS C 142 36.67 -23.43 10.81
CA CYS C 142 35.78 -22.30 11.06
C CYS C 142 36.59 -21.16 11.67
N VAL C 143 36.43 -19.96 11.13
CA VAL C 143 37.17 -18.78 11.57
C VAL C 143 36.21 -17.83 12.26
N ALA C 144 36.66 -17.25 13.38
CA ALA C 144 35.81 -16.42 14.22
C ALA C 144 35.62 -15.04 13.62
N GLY C 145 34.42 -14.50 13.80
CA GLY C 145 34.08 -13.15 13.37
C GLY C 145 33.46 -13.08 12.00
N GLU C 146 33.60 -14.11 11.17
CA GLU C 146 33.02 -14.09 9.84
C GLU C 146 31.51 -13.99 9.92
N LEU C 147 30.93 -13.12 9.10
CA LEU C 147 29.50 -12.87 9.11
C LEU C 147 28.96 -12.89 7.68
N ASP C 148 28.49 -14.06 7.25
CA ASP C 148 27.82 -14.15 5.96
C ASP C 148 26.44 -13.53 6.03
N MET C 149 26.08 -12.74 5.01
CA MET C 149 24.75 -12.15 4.96
C MET C 149 23.67 -13.20 4.84
N LEU C 150 23.94 -14.27 4.11
CA LEU C 150 22.98 -15.34 3.88
C LEU C 150 23.00 -16.39 4.98
N GLY C 151 23.87 -16.22 5.97
CA GLY C 151 23.89 -17.08 7.14
C GLY C 151 22.92 -16.60 8.19
N ASN C 152 23.12 -17.09 9.41
CA ASN C 152 22.16 -16.85 10.48
C ASN C 152 22.82 -16.34 11.77
N GLY C 153 24.07 -15.91 11.71
CA GLY C 153 24.68 -15.27 12.85
C GLY C 153 26.17 -15.07 12.65
N LEU C 154 26.85 -14.84 13.77
CA LEU C 154 28.27 -14.55 13.79
C LEU C 154 29.05 -15.79 14.25
N ARG C 155 30.06 -16.16 13.47
CA ARG C 155 30.74 -17.42 13.70
C ARG C 155 31.64 -17.36 14.92
N THR C 156 31.69 -18.45 15.69
CA THR C 156 32.41 -18.46 17.00
C THR C 156 33.83 -19.02 16.88
N GLY C 157 34.19 -19.69 15.79
CA GLY C 157 35.49 -20.33 15.69
C GLY C 157 35.51 -21.76 16.14
N ARG C 158 34.35 -22.35 16.41
CA ARG C 158 34.23 -23.73 16.86
C ARG C 158 33.40 -24.54 15.88
N CYS C 159 33.63 -25.84 15.90
CA CYS C 159 32.87 -26.81 15.10
C CYS C 159 32.07 -27.67 16.06
N VAL C 160 30.74 -27.62 15.93
CA VAL C 160 29.84 -28.32 16.85
C VAL C 160 29.01 -29.33 16.06
N PRO C 161 28.54 -30.41 16.68
CA PRO C 161 27.67 -31.35 15.97
C PRO C 161 26.39 -30.67 15.50
N TYR C 162 25.91 -31.10 14.34
CA TYR C 162 24.69 -30.54 13.78
C TYR C 162 23.47 -31.04 14.56
N TYR C 163 22.35 -30.37 14.36
CA TYR C 163 21.13 -30.72 15.07
C TYR C 163 20.80 -32.19 14.87
N GLN C 164 20.77 -32.64 13.62
CA GLN C 164 20.63 -34.05 13.28
C GLN C 164 22.00 -34.55 12.83
N GLY C 165 22.47 -35.63 13.46
CA GLY C 165 23.78 -36.15 13.18
C GLY C 165 23.83 -36.80 11.81
N PRO C 166 25.01 -37.32 11.45
CA PRO C 166 26.26 -37.30 12.21
C PRO C 166 27.18 -36.14 11.85
N SER C 167 26.71 -35.24 11.00
CA SER C 167 27.56 -34.19 10.46
C SER C 167 27.87 -33.14 11.54
N LYS C 168 28.84 -32.29 11.22
CA LYS C 168 29.25 -31.19 12.07
C LYS C 168 29.26 -29.90 11.27
N THR C 169 28.94 -28.79 11.93
CA THR C 169 28.75 -27.51 11.26
C THR C 169 29.28 -26.40 12.16
N CYS C 170 29.75 -25.33 11.53
CA CYS C 170 30.35 -24.23 12.28
C CYS C 170 29.31 -23.56 13.17
N GLU C 171 29.72 -23.27 14.40
CA GLU C 171 28.86 -22.66 15.39
C GLU C 171 28.78 -21.15 15.18
N VAL C 172 27.59 -20.60 15.41
CA VAL C 172 27.35 -19.17 15.24
C VAL C 172 26.64 -18.63 16.47
N PHE C 173 26.72 -17.31 16.63
CA PHE C 173 25.93 -16.59 17.61
C PHE C 173 24.82 -15.85 16.88
N GLY C 174 23.58 -16.03 17.36
CA GLY C 174 22.45 -15.37 16.76
C GLY C 174 21.17 -15.89 17.38
N TRP C 175 20.07 -15.69 16.65
CA TRP C 175 18.80 -16.27 17.04
C TRP C 175 18.85 -17.78 16.87
N CYS C 176 18.83 -18.51 17.99
CA CYS C 176 19.07 -19.92 18.00
C CYS C 176 17.94 -20.65 18.73
N PRO C 177 17.54 -21.84 18.27
CA PRO C 177 18.09 -22.57 17.12
C PRO C 177 17.65 -22.03 15.76
N VAL C 178 18.38 -22.41 14.72
CA VAL C 178 18.07 -21.97 13.37
C VAL C 178 16.90 -22.78 12.81
N GLU C 179 16.12 -22.14 11.93
CA GLU C 179 14.89 -22.74 11.46
C GLU C 179 15.15 -24.03 10.70
N ASP C 180 16.23 -24.09 9.95
CA ASP C 180 16.55 -25.26 9.15
C ASP C 180 16.99 -26.45 10.01
N GLY C 181 16.89 -26.34 11.33
CA GLY C 181 17.20 -27.46 12.21
C GLY C 181 16.18 -27.68 13.32
N ALA C 182 15.20 -26.77 13.46
CA ALA C 182 14.21 -26.91 14.52
C ALA C 182 12.80 -26.53 14.09
N SER C 183 12.55 -26.27 12.82
CA SER C 183 11.22 -25.89 12.36
C SER C 183 10.29 -27.09 12.29
N VAL C 184 9.01 -26.84 12.55
CA VAL C 184 7.94 -27.81 12.35
C VAL C 184 6.93 -27.20 11.38
N SER C 185 6.46 -28.01 10.45
CA SER C 185 5.53 -27.58 9.42
C SER C 185 4.09 -27.85 9.84
N GLN C 186 3.22 -26.88 9.59
CA GLN C 186 1.79 -27.00 9.83
C GLN C 186 1.05 -26.58 8.57
N PHE C 187 0.13 -27.43 8.13
CA PHE C 187 -0.79 -27.08 7.05
C PHE C 187 -2.09 -26.58 7.66
N LEU C 188 -2.45 -25.34 7.34
CA LEU C 188 -3.70 -24.73 7.78
C LEU C 188 -4.50 -24.16 6.62
N GLY C 189 -4.35 -24.72 5.42
CA GLY C 189 -5.17 -24.39 4.28
C GLY C 189 -6.21 -25.44 3.95
N THR C 190 -6.50 -26.35 4.86
CA THR C 190 -7.45 -27.43 4.61
C THR C 190 -8.85 -26.90 4.31
N MET C 191 -9.28 -25.87 5.04
CA MET C 191 -10.62 -25.30 4.90
C MET C 191 -10.58 -23.87 4.41
N ALA C 192 -9.44 -23.42 3.93
CA ALA C 192 -9.27 -22.11 3.32
C ALA C 192 -10.11 -21.90 2.06
N PRO C 193 -10.40 -22.93 1.25
CA PRO C 193 -11.32 -22.68 0.12
C PRO C 193 -12.71 -22.28 0.57
N ASN C 194 -13.10 -22.62 1.79
CA ASN C 194 -14.39 -22.26 2.34
C ASN C 194 -14.38 -20.91 3.04
N PHE C 195 -13.21 -20.27 3.19
CA PHE C 195 -13.16 -18.93 3.76
C PHE C 195 -13.95 -17.96 2.88
N THR C 196 -14.30 -16.82 3.47
CA THR C 196 -15.05 -15.78 2.80
C THR C 196 -14.39 -14.42 3.01
N ILE C 197 -14.38 -13.64 1.95
CA ILE C 197 -13.80 -12.30 1.93
C ILE C 197 -14.90 -11.33 1.51
N LEU C 198 -15.16 -10.33 2.35
CA LEU C 198 -16.07 -9.24 2.00
C LEU C 198 -15.22 -8.06 1.54
N ILE C 199 -15.44 -7.65 0.30
CA ILE C 199 -14.77 -6.50 -0.29
C ILE C 199 -15.79 -5.39 -0.47
N LYS C 200 -15.57 -4.29 0.22
CA LYS C 200 -16.43 -3.12 0.11
C LYS C 200 -15.69 -2.06 -0.70
N ASN C 201 -16.33 -1.59 -1.76
CA ASN C 201 -15.75 -0.60 -2.64
C ASN C 201 -16.75 0.52 -2.91
N SER C 202 -16.23 1.75 -2.87
CA SER C 202 -16.98 2.91 -3.31
C SER C 202 -16.03 3.77 -4.13
N ILE C 203 -16.49 4.17 -5.30
CA ILE C 203 -15.70 4.96 -6.23
C ILE C 203 -16.25 6.37 -6.29
N HIS C 204 -15.38 7.30 -6.70
CA HIS C 204 -15.75 8.69 -6.88
C HIS C 204 -15.08 9.24 -8.12
N TYR C 205 -15.87 9.85 -9.00
CA TYR C 205 -15.33 10.61 -10.13
C TYR C 205 -15.48 12.09 -9.81
N PRO C 206 -14.41 12.80 -9.42
CA PRO C 206 -14.57 14.19 -8.99
C PRO C 206 -15.10 15.13 -10.06
N LYS C 207 -14.75 14.91 -11.33
CA LYS C 207 -15.17 15.83 -12.38
C LYS C 207 -16.68 15.83 -12.53
N PHE C 208 -17.25 14.64 -12.65
CA PHE C 208 -18.67 14.38 -12.75
C PHE C 208 -19.40 14.42 -11.41
N HIS C 209 -18.66 14.46 -10.30
CA HIS C 209 -19.26 14.34 -8.97
C HIS C 209 -20.21 13.15 -8.93
N PHE C 210 -19.71 12.00 -9.39
CA PHE C 210 -20.50 10.75 -9.41
C PHE C 210 -19.94 9.79 -8.36
N SER C 211 -20.79 9.15 -7.57
CA SER C 211 -20.35 8.18 -6.55
C SER C 211 -21.22 6.93 -6.62
N LYS C 212 -20.62 5.75 -6.57
CA LYS C 212 -21.39 4.48 -6.51
C LYS C 212 -20.62 3.43 -5.71
N GLY C 213 -21.29 2.67 -4.87
CA GLY C 213 -20.72 1.56 -4.13
C GLY C 213 -21.25 0.22 -4.61
N ASN C 214 -20.61 -0.83 -4.11
CA ASN C 214 -20.87 -2.19 -4.53
C ASN C 214 -21.78 -2.95 -3.56
N ILE C 215 -22.34 -2.27 -2.57
CA ILE C 215 -23.31 -2.83 -1.65
C ILE C 215 -24.54 -1.94 -1.68
N ALA C 216 -25.71 -2.55 -1.83
CA ALA C 216 -26.95 -1.80 -1.93
C ALA C 216 -27.51 -1.42 -0.56
N ASP C 217 -28.29 -0.35 -0.55
CA ASP C 217 -29.02 0.10 0.65
C ASP C 217 -30.26 -0.78 0.81
N ARG C 218 -30.11 -1.83 1.62
CA ARG C 218 -31.16 -2.80 1.84
C ARG C 218 -31.35 -3.00 3.33
N THR C 219 -32.60 -2.88 3.79
CA THR C 219 -32.88 -3.01 5.22
C THR C 219 -32.86 -4.46 5.67
N ASP C 220 -33.10 -5.40 4.76
CA ASP C 220 -33.08 -6.81 5.12
C ASP C 220 -31.66 -7.29 5.34
N GLY C 221 -31.54 -8.54 5.78
CA GLY C 221 -30.24 -9.13 6.04
C GLY C 221 -29.67 -9.82 4.82
N TYR C 222 -29.60 -9.10 3.71
CA TYR C 222 -29.09 -9.68 2.47
C TYR C 222 -27.60 -9.99 2.58
N LEU C 223 -26.81 -9.05 3.09
CA LEU C 223 -25.37 -9.22 3.18
C LEU C 223 -25.00 -10.25 4.26
N LYS C 224 -25.98 -10.97 4.82
CA LYS C 224 -25.77 -12.02 5.85
C LYS C 224 -26.27 -13.40 5.38
N ARG C 225 -26.82 -13.56 4.18
CA ARG C 225 -27.32 -14.84 3.70
C ARG C 225 -27.14 -14.93 2.20
N CYS C 226 -26.14 -14.21 1.69
CA CYS C 226 -25.96 -14.00 0.28
C CYS C 226 -24.65 -14.61 -0.19
N THR C 227 -24.67 -15.09 -1.42
CA THR C 227 -23.50 -15.65 -2.09
C THR C 227 -23.33 -14.91 -3.40
N PHE C 228 -22.15 -14.36 -3.63
CA PHE C 228 -21.92 -13.60 -4.85
C PHE C 228 -22.26 -14.43 -6.08
N HIS C 229 -22.95 -13.79 -7.01
CA HIS C 229 -23.25 -14.37 -8.35
C HIS C 229 -23.09 -13.15 -9.26
N GLU C 230 -22.28 -13.23 -10.31
CA GLU C 230 -21.99 -12.08 -11.21
C GLU C 230 -23.28 -11.50 -11.78
N ALA C 231 -24.38 -12.25 -11.76
CA ALA C 231 -25.67 -11.83 -12.35
C ALA C 231 -26.75 -11.65 -11.30
N SER C 232 -27.06 -12.66 -10.50
CA SER C 232 -28.19 -12.60 -9.57
C SER C 232 -27.83 -11.86 -8.29
N ASP C 233 -26.56 -11.89 -7.88
CA ASP C 233 -26.12 -11.32 -6.62
C ASP C 233 -24.83 -10.54 -6.81
N LEU C 234 -24.77 -9.71 -7.85
CA LEU C 234 -23.60 -8.88 -8.10
C LEU C 234 -23.33 -7.90 -6.97
N TYR C 235 -24.32 -7.62 -6.12
CA TYR C 235 -24.18 -6.66 -5.04
C TYR C 235 -24.12 -7.33 -3.68
N CYS C 236 -23.77 -8.62 -3.66
CA CYS C 236 -23.26 -9.31 -2.48
C CYS C 236 -21.76 -9.52 -2.70
N PRO C 237 -20.92 -8.58 -2.33
CA PRO C 237 -19.49 -8.73 -2.64
C PRO C 237 -18.75 -9.59 -1.62
N ILE C 238 -19.32 -10.75 -1.31
CA ILE C 238 -18.71 -11.71 -0.40
C ILE C 238 -18.28 -12.90 -1.24
N PHE C 239 -16.97 -13.13 -1.32
CA PHE C 239 -16.38 -14.15 -2.17
C PHE C 239 -15.71 -15.22 -1.34
N LYS C 240 -15.98 -16.49 -1.68
CA LYS C 240 -15.17 -17.57 -1.19
C LYS C 240 -13.81 -17.61 -1.89
N LEU C 241 -12.80 -18.00 -1.14
CA LEU C 241 -11.45 -18.11 -1.67
C LEU C 241 -11.35 -19.19 -2.73
N GLY C 242 -12.05 -20.31 -2.52
CA GLY C 242 -12.09 -21.33 -3.54
C GLY C 242 -12.66 -20.83 -4.86
N PHE C 243 -13.76 -20.09 -4.81
CA PHE C 243 -14.32 -19.44 -6.00
C PHE C 243 -13.29 -18.58 -6.71
N ILE C 244 -12.62 -17.71 -5.96
CA ILE C 244 -11.61 -16.82 -6.52
C ILE C 244 -10.52 -17.63 -7.20
N VAL C 245 -10.14 -18.74 -6.58
CA VAL C 245 -9.04 -19.54 -7.12
C VAL C 245 -9.50 -20.34 -8.34
N GLU C 246 -10.80 -20.62 -8.44
CA GLU C 246 -11.37 -21.32 -9.61
C GLU C 246 -11.43 -20.35 -10.80
N LYS C 247 -11.73 -19.06 -10.56
CA LYS C 247 -11.87 -18.09 -11.63
C LYS C 247 -10.52 -17.57 -12.11
N ALA C 248 -9.47 -17.73 -11.33
CA ALA C 248 -8.11 -17.45 -11.75
C ALA C 248 -7.49 -18.62 -12.50
N GLY C 249 -8.17 -19.76 -12.52
CA GLY C 249 -7.71 -20.92 -13.27
C GLY C 249 -6.61 -21.70 -12.60
N GLU C 250 -6.58 -21.69 -11.27
CA GLU C 250 -5.48 -22.25 -10.51
C GLU C 250 -5.99 -23.39 -9.64
N SER C 251 -5.05 -24.22 -9.14
CA SER C 251 -5.37 -25.32 -8.19
C SER C 251 -5.19 -24.76 -6.78
N PHE C 252 -6.09 -25.05 -5.86
CA PHE C 252 -6.04 -24.53 -4.48
C PHE C 252 -4.88 -25.21 -3.74
N THR C 253 -4.58 -26.48 -4.03
CA THR C 253 -3.50 -27.25 -3.37
C THR C 253 -2.13 -26.67 -3.73
N GLU C 254 -1.80 -26.54 -5.00
CA GLU C 254 -0.50 -25.98 -5.47
C GLU C 254 -0.31 -24.61 -4.83
N LEU C 255 -1.29 -23.73 -4.93
CA LEU C 255 -1.25 -22.37 -4.40
C LEU C 255 -1.23 -22.32 -2.88
N ALA C 256 -1.71 -23.36 -2.21
CA ALA C 256 -1.72 -23.42 -0.76
C ALA C 256 -0.40 -23.89 -0.18
N HIS C 257 0.40 -24.63 -0.96
CA HIS C 257 1.67 -25.13 -0.44
C HIS C 257 2.85 -24.24 -0.83
N LYS C 258 2.84 -23.69 -2.05
CA LYS C 258 3.93 -22.79 -2.45
C LYS C 258 3.57 -21.34 -2.18
N GLY C 259 2.30 -21.00 -2.22
CA GLY C 259 1.84 -19.63 -2.15
C GLY C 259 1.65 -19.02 -3.53
N GLY C 260 1.09 -17.82 -3.53
CA GLY C 260 0.85 -17.12 -4.78
C GLY C 260 0.06 -15.85 -4.53
N VAL C 261 -0.22 -15.16 -5.65
CA VAL C 261 -0.90 -13.87 -5.63
C VAL C 261 -2.04 -13.91 -6.63
N ILE C 262 -3.26 -13.62 -6.16
CA ILE C 262 -4.44 -13.58 -7.00
C ILE C 262 -4.98 -12.16 -6.98
N GLY C 263 -5.17 -11.59 -8.17
CA GLY C 263 -5.82 -10.29 -8.25
C GLY C 263 -7.34 -10.42 -8.32
N VAL C 264 -8.02 -9.54 -7.61
CA VAL C 264 -9.47 -9.39 -7.70
C VAL C 264 -9.68 -8.03 -8.36
N ILE C 265 -10.05 -8.03 -9.63
CA ILE C 265 -10.15 -6.79 -10.38
C ILE C 265 -11.61 -6.39 -10.47
N ILE C 266 -11.89 -5.14 -10.10
CA ILE C 266 -13.22 -4.57 -10.17
C ILE C 266 -13.15 -3.46 -11.20
N ASN C 267 -13.97 -3.57 -12.24
CA ASN C 267 -14.03 -2.57 -13.30
C ASN C 267 -15.35 -1.81 -13.20
N TRP C 268 -15.25 -0.48 -13.18
CA TRP C 268 -16.41 0.41 -13.19
C TRP C 268 -16.38 1.16 -14.51
N ASP C 269 -17.12 0.64 -15.48
CA ASP C 269 -17.20 1.26 -16.81
C ASP C 269 -18.63 1.78 -16.97
N CYS C 270 -18.80 3.07 -16.72
CA CYS C 270 -20.11 3.66 -16.53
C CYS C 270 -20.36 4.75 -17.56
N ASP C 271 -21.56 4.77 -18.11
CA ASP C 271 -22.03 5.85 -18.97
C ASP C 271 -22.99 6.69 -18.15
N LEU C 272 -22.55 7.91 -17.82
CA LEU C 272 -23.29 8.82 -16.92
C LEU C 272 -24.46 9.48 -17.64
N ASP C 273 -24.49 9.50 -18.98
CA ASP C 273 -25.66 9.95 -19.70
C ASP C 273 -26.86 9.07 -19.41
N LEU C 274 -26.64 7.93 -18.77
CA LEU C 274 -27.65 6.98 -18.35
C LEU C 274 -27.84 7.01 -16.84
N PRO C 275 -28.86 6.32 -16.33
CA PRO C 275 -29.08 6.29 -14.89
C PRO C 275 -27.92 5.62 -14.16
N ALA C 276 -27.77 5.99 -12.88
CA ALA C 276 -26.73 5.39 -12.04
C ALA C 276 -26.95 3.90 -11.85
N SER C 277 -28.17 3.41 -12.10
CA SER C 277 -28.45 1.99 -12.03
C SER C 277 -27.75 1.19 -13.12
N GLU C 278 -27.19 1.87 -14.12
CA GLU C 278 -26.43 1.20 -15.18
C GLU C 278 -24.95 1.13 -14.87
N CYS C 279 -24.50 1.88 -13.85
CA CYS C 279 -23.09 1.88 -13.45
C CYS C 279 -22.93 0.78 -12.42
N ASN C 280 -22.31 -0.32 -12.84
CA ASN C 280 -22.20 -1.50 -12.02
C ASN C 280 -20.77 -2.04 -12.03
N PRO C 281 -20.39 -2.78 -11.00
CA PRO C 281 -19.04 -3.36 -10.98
C PRO C 281 -18.96 -4.64 -11.80
N LYS C 282 -17.79 -4.82 -12.39
CA LYS C 282 -17.46 -6.02 -13.15
C LYS C 282 -16.27 -6.68 -12.45
N TYR C 283 -16.44 -7.93 -12.04
CA TYR C 283 -15.45 -8.63 -11.24
C TYR C 283 -14.67 -9.63 -12.09
N SER C 284 -13.35 -9.61 -11.93
CA SER C 284 -12.42 -10.47 -12.64
C SER C 284 -11.42 -11.03 -11.66
N PHE C 285 -11.00 -12.26 -11.88
CA PHE C 285 -10.08 -12.97 -10.99
C PHE C 285 -8.99 -13.61 -11.82
N ARG C 286 -7.75 -13.18 -11.58
CA ARG C 286 -6.61 -13.75 -12.27
C ARG C 286 -5.38 -13.74 -11.37
N ARG C 287 -4.54 -14.74 -11.57
CA ARG C 287 -3.26 -14.80 -10.88
C ARG C 287 -2.30 -13.74 -11.43
N LEU C 288 -1.59 -13.06 -10.52
CA LEU C 288 -0.70 -11.98 -10.89
C LEU C 288 0.76 -12.38 -10.89
N ASP C 289 1.14 -13.38 -10.11
CA ASP C 289 2.53 -13.77 -10.01
C ASP C 289 2.85 -14.88 -11.00
N PRO C 290 4.11 -15.03 -11.40
CA PRO C 290 4.46 -16.05 -12.39
C PRO C 290 4.16 -17.44 -11.88
N LYS C 291 3.66 -18.27 -12.79
CA LYS C 291 3.31 -19.65 -12.50
C LYS C 291 4.21 -20.74 -13.06
N HIS C 292 5.24 -20.37 -13.82
CA HIS C 292 6.19 -21.31 -14.39
C HIS C 292 7.63 -21.06 -13.95
N VAL C 293 7.88 -20.02 -13.16
CA VAL C 293 9.22 -19.68 -12.69
C VAL C 293 9.66 -20.72 -11.66
N PRO C 294 10.69 -21.51 -11.93
CA PRO C 294 11.11 -22.52 -10.95
C PRO C 294 12.04 -21.97 -9.88
N ALA C 295 12.81 -20.93 -10.24
CA ALA C 295 13.73 -20.35 -9.27
C ALA C 295 12.99 -19.76 -8.08
N SER C 296 12.00 -18.91 -8.34
CA SER C 296 11.15 -18.35 -7.30
C SER C 296 9.70 -18.69 -7.67
N SER C 297 9.18 -19.77 -7.08
CA SER C 297 7.84 -20.26 -7.36
C SER C 297 6.99 -20.09 -6.11
N GLY C 298 6.25 -18.97 -6.04
CA GLY C 298 5.29 -18.78 -4.98
C GLY C 298 5.34 -17.45 -4.27
N TYR C 299 5.01 -17.49 -2.98
CA TYR C 299 4.96 -16.30 -2.13
C TYR C 299 5.13 -16.75 -0.69
N ASN C 300 5.98 -16.04 0.04
CA ASN C 300 6.28 -16.38 1.42
C ASN C 300 6.87 -15.17 2.12
N PHE C 301 6.75 -15.16 3.44
CA PHE C 301 7.36 -14.14 4.27
C PHE C 301 7.54 -14.73 5.66
N ARG C 302 8.45 -14.13 6.42
CA ARG C 302 8.74 -14.56 7.78
C ARG C 302 8.28 -13.49 8.75
N PHE C 303 7.76 -13.93 9.90
CA PHE C 303 7.44 -13.03 11.00
C PHE C 303 7.63 -13.79 12.30
N ALA C 304 7.82 -13.04 13.37
CA ALA C 304 8.17 -13.61 14.67
C ALA C 304 7.26 -13.05 15.74
N LYS C 305 7.13 -13.83 16.82
CA LYS C 305 6.32 -13.48 17.97
C LYS C 305 7.24 -13.42 19.18
N TYR C 306 7.32 -12.26 19.83
CA TYR C 306 8.32 -12.04 20.86
C TYR C 306 7.69 -12.17 22.25
N TYR C 307 8.41 -12.89 23.12
CA TYR C 307 7.97 -13.13 24.49
C TYR C 307 9.15 -12.87 25.42
N LYS C 308 8.86 -12.83 26.72
CA LYS C 308 9.90 -12.71 27.74
C LYS C 308 9.66 -13.80 28.78
N ILE C 309 10.50 -14.83 28.76
CA ILE C 309 10.42 -15.95 29.69
C ILE C 309 11.61 -15.85 30.63
N ASN C 310 11.31 -15.61 31.91
CA ASN C 310 12.34 -15.47 32.95
C ASN C 310 13.30 -14.32 32.64
N GLY C 311 12.77 -13.22 32.12
CA GLY C 311 13.58 -12.06 31.79
C GLY C 311 14.36 -12.16 30.51
N THR C 312 14.23 -13.26 29.77
CA THR C 312 14.93 -13.47 28.52
C THR C 312 13.98 -13.25 27.35
N THR C 313 14.42 -12.45 26.38
CA THR C 313 13.63 -12.22 25.17
C THR C 313 13.66 -13.47 24.33
N THR C 314 12.49 -14.07 24.13
CA THR C 314 12.33 -15.29 23.35
C THR C 314 11.30 -15.05 22.26
N ARG C 315 11.49 -15.71 21.12
CA ARG C 315 10.59 -15.52 20.00
C ARG C 315 10.28 -16.85 19.33
N THR C 316 9.14 -16.89 18.67
CA THR C 316 8.76 -17.96 17.76
C THR C 316 8.76 -17.38 16.36
N LEU C 317 9.68 -17.86 15.53
CA LEU C 317 9.78 -17.42 14.14
C LEU C 317 8.86 -18.26 13.26
N ILE C 318 8.08 -17.59 12.41
CA ILE C 318 7.16 -18.24 11.51
C ILE C 318 7.54 -17.86 10.08
N LYS C 319 7.81 -18.87 9.25
CA LYS C 319 7.84 -18.69 7.80
C LYS C 319 6.48 -19.08 7.25
N ALA C 320 5.82 -18.13 6.60
CA ALA C 320 4.44 -18.29 6.18
C ALA C 320 4.35 -18.33 4.67
N TYR C 321 3.74 -19.40 4.14
CA TYR C 321 3.34 -19.48 2.75
C TYR C 321 1.85 -19.20 2.69
N GLY C 322 1.44 -18.41 1.70
CA GLY C 322 0.03 -18.08 1.59
C GLY C 322 -0.34 -17.45 0.27
N ILE C 323 -1.62 -17.14 0.16
CA ILE C 323 -2.20 -16.54 -1.03
C ILE C 323 -2.43 -15.07 -0.73
N ARG C 324 -1.76 -14.19 -1.46
CA ARG C 324 -1.97 -12.76 -1.33
C ARG C 324 -3.10 -12.32 -2.26
N ILE C 325 -3.99 -11.49 -1.74
CA ILE C 325 -5.14 -10.99 -2.48
C ILE C 325 -4.91 -9.50 -2.75
N ASP C 326 -4.74 -9.17 -4.02
CA ASP C 326 -4.72 -7.80 -4.50
C ASP C 326 -6.11 -7.45 -5.01
N VAL C 327 -6.71 -6.41 -4.44
CA VAL C 327 -7.95 -5.85 -4.95
C VAL C 327 -7.57 -4.61 -5.76
N ILE C 328 -7.70 -4.73 -7.08
CA ILE C 328 -7.32 -3.68 -8.01
C ILE C 328 -8.60 -3.14 -8.62
N VAL C 329 -8.70 -1.81 -8.69
CA VAL C 329 -9.91 -1.14 -9.15
C VAL C 329 -9.59 -0.32 -10.38
N HIS C 330 -10.30 -0.61 -11.46
CA HIS C 330 -10.15 0.15 -12.72
C HIS C 330 -11.49 0.83 -12.93
N GLY C 331 -11.54 1.95 -13.64
CA GLY C 331 -12.81 2.63 -13.94
C GLY C 331 -12.71 3.62 -15.08
N GLN C 332 -13.79 3.79 -15.85
CA GLN C 332 -13.85 4.76 -16.97
C GLN C 332 -15.29 5.28 -17.08
N ALA C 333 -15.53 6.54 -16.73
CA ALA C 333 -16.86 7.17 -16.81
C ALA C 333 -16.94 8.09 -18.03
N GLY C 334 -18.08 8.14 -18.74
CA GLY C 334 -18.26 9.08 -19.82
C GLY C 334 -19.57 9.85 -19.70
N LYS C 335 -19.51 11.15 -19.95
CA LYS C 335 -20.67 12.02 -19.81
C LYS C 335 -20.66 13.02 -20.96
N PHE C 336 -21.85 13.30 -21.48
CA PHE C 336 -21.99 14.25 -22.59
C PHE C 336 -21.43 15.62 -22.22
N SER C 337 -20.63 16.18 -23.12
CA SER C 337 -20.15 17.55 -23.01
C SER C 337 -20.30 18.23 -24.37
N LEU C 338 -20.76 19.49 -24.35
CA LEU C 338 -21.07 20.18 -25.59
C LEU C 338 -19.82 20.50 -26.39
N ILE C 339 -18.74 20.89 -25.71
CA ILE C 339 -17.53 21.34 -26.39
C ILE C 339 -16.95 20.23 -27.26
N PRO C 340 -16.64 19.06 -26.68
CA PRO C 340 -16.13 17.96 -27.53
C PRO C 340 -17.09 17.56 -28.63
N THR C 341 -18.40 17.58 -28.35
CA THR C 341 -19.37 17.22 -29.38
C THR C 341 -19.28 18.18 -30.56
N ILE C 342 -19.23 19.48 -30.29
CA ILE C 342 -19.15 20.46 -31.37
C ILE C 342 -17.83 20.32 -32.12
N ILE C 343 -16.73 20.12 -31.41
CA ILE C 343 -15.43 19.99 -32.08
C ILE C 343 -15.42 18.77 -32.99
N ASN C 344 -15.90 17.63 -32.49
CA ASN C 344 -15.93 16.41 -33.30
C ASN C 344 -16.90 16.54 -34.46
N LEU C 345 -18.03 17.23 -34.27
CA LEU C 345 -18.95 17.47 -35.37
C LEU C 345 -18.29 18.32 -36.45
N ALA C 346 -17.54 19.34 -36.05
CA ALA C 346 -16.82 20.14 -37.03
C ALA C 346 -15.81 19.31 -37.79
N THR C 347 -15.07 18.45 -37.08
CA THR C 347 -14.10 17.59 -37.77
C THR C 347 -14.79 16.65 -38.75
N ALA C 348 -15.93 16.07 -38.34
CA ALA C 348 -16.67 15.17 -39.23
C ALA C 348 -17.19 15.93 -40.46
N LEU C 349 -17.68 17.15 -40.26
CA LEU C 349 -18.15 17.94 -41.39
C LEU C 349 -17.00 18.28 -42.34
N THR C 350 -15.82 18.57 -41.78
CA THR C 350 -14.65 18.80 -42.64
C THR C 350 -14.31 17.56 -43.45
N SER C 351 -14.33 16.39 -42.81
CA SER C 351 -14.06 15.15 -43.53
C SER C 351 -15.09 14.91 -44.63
N VAL C 352 -16.36 15.18 -44.34
CA VAL C 352 -17.41 15.02 -45.34
C VAL C 352 -17.17 15.96 -46.51
N GLY C 353 -16.83 17.21 -46.21
CA GLY C 353 -16.56 18.17 -47.27
C GLY C 353 -15.42 17.75 -48.16
N VAL C 354 -14.32 17.26 -47.57
CA VAL C 354 -13.21 16.77 -48.36
C VAL C 354 -13.64 15.55 -49.17
N GLY C 355 -14.40 14.65 -48.55
CA GLY C 355 -14.88 13.46 -49.23
C GLY C 355 -16.13 13.70 -50.04
C1 NAG D . 30.52 -5.16 0.86
C2 NAG D . 30.81 -3.66 0.89
C3 NAG D . 32.29 -3.40 0.59
C4 NAG D . 33.17 -4.21 1.52
C5 NAG D . 32.79 -5.69 1.44
C6 NAG D . 33.56 -6.55 2.42
C7 NAG D . 29.46 -1.73 0.15
C8 NAG D . 29.79 -1.12 1.47
N2 NAG D . 29.97 -2.95 -0.07
O3 NAG D . 32.58 -2.02 0.71
O4 NAG D . 34.54 -4.07 1.14
O5 NAG D . 31.40 -5.83 1.77
O6 NAG D . 32.99 -7.85 2.50
O7 NAG D . 28.76 -1.16 -0.67
C1 NAG E . 2.45 28.09 29.64
C2 NAG E . 2.90 29.00 30.78
C3 NAG E . 2.36 30.42 30.57
C4 NAG E . 2.76 30.94 29.20
C5 NAG E . 2.32 29.94 28.12
C6 NAG E . 2.79 30.34 26.73
C7 NAG E . 3.02 28.82 33.23
C8 NAG E . 2.44 28.18 34.45
N2 NAG E . 2.45 28.47 32.07
O3 NAG E . 2.88 31.28 31.58
O4 NAG E . 2.13 32.19 28.95
O5 NAG E . 2.89 28.65 28.39
O6 NAG E . 4.20 30.51 26.69
O7 NAG E . 3.97 29.60 33.29
PG ATP F . 14.27 -18.81 1.37
O1G ATP F . 13.57 -17.96 2.41
O2G ATP F . 15.68 -18.37 1.08
O3G ATP F . 14.12 -20.28 1.69
PB ATP F . 12.94 -19.73 -0.90
O1B ATP F . 13.79 -20.98 -0.92
O2B ATP F . 11.52 -20.03 -0.52
O3B ATP F . 13.52 -18.55 -0.01
PA ATP F . 12.38 -17.68 -2.76
O1A ATP F . 12.29 -16.75 -1.63
O2A ATP F . 11.15 -17.89 -3.56
O3A ATP F . 12.91 -19.11 -2.37
O5' ATP F . 13.47 -17.09 -3.76
C5' ATP F . 14.07 -18.01 -4.71
C4' ATP F . 15.54 -18.21 -4.43
O4' ATP F . 16.16 -16.93 -4.25
C3' ATP F . 15.80 -19.01 -3.13
O3' ATP F . 16.92 -19.84 -3.25
C2' ATP F . 16.16 -17.93 -2.08
O2' ATP F . 17.20 -18.29 -1.22
C1' ATP F . 16.73 -16.82 -3.01
N9 ATP F . 16.41 -15.47 -2.40
C8 ATP F . 15.23 -15.02 -1.98
N7 ATP F . 15.21 -13.80 -1.50
C5 ATP F . 16.54 -13.35 -1.61
C6 ATP F . 17.24 -12.09 -1.28
N6 ATP F . 16.59 -11.03 -0.72
N1 ATP F . 18.59 -12.07 -1.56
C2 ATP F . 19.19 -13.13 -2.10
N3 ATP F . 18.65 -14.29 -2.43
C4 ATP F . 17.32 -14.44 -2.21
PG ATP G . 10.17 13.98 16.32
O1G ATP G . 9.63 12.57 16.35
O2G ATP G . 9.17 15.02 16.77
O3G ATP G . 11.51 14.07 17.01
PB ATP G . 11.80 14.90 14.25
O1B ATP G . 12.52 15.82 15.20
O2B ATP G . 12.66 13.76 13.81
O3B ATP G . 10.40 14.36 14.79
PA ATP G . 10.39 15.23 11.81
O1A ATP G . 9.51 14.16 12.24
O2A ATP G . 11.22 15.00 10.60
O3A ATP G . 11.40 15.72 12.94
O5' ATP G . 9.48 16.50 11.51
C5' ATP G . 10.10 17.80 11.52
C4' ATP G . 9.59 18.65 12.65
O4' ATP G . 8.16 18.61 12.66
C3' ATP G . 10.07 18.17 14.04
O3' ATP G . 10.32 19.22 14.91
C2' ATP G . 8.86 17.39 14.61
O2' ATP G . 8.63 17.60 15.97
C1' ATP G . 7.69 18.11 13.86
N9 ATP G . 6.58 17.12 13.61
C8 ATP G . 6.68 15.90 13.06
N7 ATP G . 5.56 15.22 12.93
C5 ATP G . 4.57 16.07 13.47
C6 ATP G . 3.11 15.98 13.66
N6 ATP G . 2.40 14.87 13.28
N1 ATP G . 2.50 17.07 14.22
C2 ATP G . 3.23 18.14 14.58
N3 ATP G . 4.54 18.32 14.46
C4 ATP G . 5.24 17.31 13.90
C1 NAG H . -8.65 21.23 20.38
C2 NAG H . -10.13 21.03 20.02
C3 NAG H . -10.97 22.18 20.59
C4 NAG H . -10.70 22.33 22.09
C5 NAG H . -9.22 22.50 22.34
C6 NAG H . -8.87 22.57 23.80
C7 NAG H . -11.21 20.14 18.00
C8 NAG H . -12.04 19.29 18.93
N2 NAG H . -10.31 20.94 18.58
O3 NAG H . -12.36 21.94 20.37
O4 NAG H . -11.39 23.48 22.58
O5 NAG H . -8.51 21.37 21.80
O6 NAG H . -7.46 22.45 24.00
O7 NAG H . -11.34 20.08 16.78
C1 NAG I . -29.11 -26.08 12.28
C2 NAG I . -30.22 -26.80 13.04
C3 NAG I . -31.24 -27.37 12.06
C4 NAG I . -31.75 -26.29 11.12
C5 NAG I . -30.57 -25.58 10.45
C6 NAG I . -30.99 -24.41 9.60
C7 NAG I . -30.33 -28.36 14.94
C8 NAG I . -29.63 -29.44 15.70
N2 NAG I . -29.67 -27.85 13.88
O3 NAG I . -32.33 -27.93 12.79
O4 NAG I . -32.58 -26.86 10.12
O5 NAG I . -29.67 -25.07 11.45
O6 NAG I . -31.75 -23.46 10.34
O7 NAG I . -31.44 -27.95 15.27
PG ATP J . -18.52 -8.08 12.43
O1G ATP J . -17.01 -8.11 12.63
O2G ATP J . -19.06 -9.33 11.78
O3G ATP J . -19.23 -7.67 13.69
PB ATP J . -19.84 -5.78 11.58
O1B ATP J . -21.08 -6.17 12.35
O2B ATP J . -19.15 -4.60 12.19
O3B ATP J . -18.81 -6.96 11.33
PA ATP J . -19.31 -5.13 8.88
O1A ATP J . -18.01 -5.75 9.04
O2A ATP J . -19.35 -3.68 8.58
O3A ATP J . -20.29 -5.35 10.11
O5' ATP J . -20.03 -5.86 7.65
C5' ATP J . -21.47 -5.78 7.56
C4' ATP J . -22.13 -7.12 7.76
O4' ATP J . -21.46 -8.08 6.94
C3' ATP J . -22.02 -7.63 9.22
O3' ATP J . -23.15 -8.33 9.62
C2' ATP J . -20.85 -8.65 9.18
O2' ATP J . -21.07 -9.79 9.95
C1' ATP J . -20.93 -9.11 7.69
N9 ATP J . -19.53 -9.42 7.21
C8 ATP J . -18.43 -8.68 7.32
N7 ATP J . -17.33 -9.18 6.80
C5 ATP J . -17.72 -10.42 6.29
C6 ATP J . -17.02 -11.53 5.58
N6 ATP J . -15.69 -11.46 5.29
N1 ATP J . -17.80 -12.60 5.24
C2 ATP J . -19.09 -12.64 5.54
N3 ATP J . -19.81 -11.70 6.16
C4 ATP J . -19.16 -10.59 6.55
C1 NAG K . -16.86 -25.93 1.46
C2 NAG K . -15.97 -26.60 0.41
C3 NAG K . -16.63 -27.87 -0.12
C4 NAG K . -17.03 -28.78 1.03
C5 NAG K . -17.90 -28.03 2.03
C6 NAG K . -18.26 -28.83 3.25
C7 NAG K . -14.49 -25.66 -1.31
C8 NAG K . -13.45 -26.61 -0.81
N2 NAG K . -15.66 -25.70 -0.68
O3 NAG K . -15.76 -28.56 -0.99
O4 NAG K . -17.77 -29.90 0.54
O5 NAG K . -17.18 -26.87 2.49
O6 NAG K . -18.83 -28.01 4.26
O7 NAG K . -14.26 -24.87 -2.24
C1 NAG L . 35.04 -20.74 2.02
C2 NAG L . 36.13 -21.80 2.19
C3 NAG L . 37.20 -21.65 1.11
C4 NAG L . 36.57 -21.62 -0.27
C5 NAG L . 35.47 -20.57 -0.33
C6 NAG L . 34.72 -20.57 -1.64
C7 NAG L . 37.37 -22.77 4.08
C8 NAG L . 37.92 -22.54 5.45
N2 NAG L . 36.72 -21.75 3.51
O3 NAG L . 38.13 -22.71 1.20
O4 NAG L . 37.56 -21.32 -1.25
O5 NAG L . 34.51 -20.82 0.70
O6 NAG L . 34.17 -21.85 -1.93
O7 NAG L . 37.51 -23.85 3.49
#